data_5UCH
#
_entry.id   5UCH
#
_cell.length_a   128.942
_cell.length_b   128.942
_cell.length_c   106.727
_cell.angle_alpha   90.00
_cell.angle_beta   90.00
_cell.angle_gamma   120.00
#
_symmetry.space_group_name_H-M   'P 65'
#
loop_
_entity.id
_entity.type
_entity.pdbx_description
1 polymer 'Heat shock protein HSP 90-beta'
2 non-polymer 2-(5-Hydroxy-4-(isoindoline-2-carbonyl)-2-isopropylphenyl)acetonitrile
3 non-polymer GLYCEROL
4 non-polymer 'DIMETHYL SULFOXIDE'
5 water water
#
_entity_poly.entity_id   1
_entity_poly.type   'polypeptide(L)'
_entity_poly.pdbx_seq_one_letter_code
;GHMPEEVHHGEEEVETFAFQAEIAQLMSLIINTFYSNKEIFLRELISNASDALDKIRYESLTDPSKLDSGKELKIDIIPN
PQERTLTLVDTGIGMTKADLINNLGTIAKSGTKAFMEALQAGADISMIGQFGVGFYSAYLVAEKVVVITKHNDDEQYAWE
SSAGGSFTVRADHGEPIGRGTKVILHLKEDQTEYLEERRVKEVVKKHSQFIGYPITLYLE
;
_entity_poly.pdbx_strand_id   A,B,C,D
#
# COMPACT_ATOMS: atom_id res chain seq x y z
N GLY A 1 3.91 39.66 -0.45
CA GLY A 1 2.53 39.33 -0.16
C GLY A 1 2.07 39.76 1.22
N HIS A 2 0.77 40.03 1.35
CA HIS A 2 0.16 40.39 2.62
C HIS A 2 -0.39 39.13 3.30
N MET A 3 -0.85 39.28 4.55
CA MET A 3 -1.32 38.16 5.38
C MET A 3 -2.68 38.46 6.01
N PRO A 4 -3.76 38.35 5.26
CA PRO A 4 -5.08 38.48 5.90
C PRO A 4 -5.30 37.41 6.96
N GLU A 5 -6.33 37.64 7.78
CA GLU A 5 -6.78 36.67 8.77
C GLU A 5 -8.29 36.62 8.70
N GLU A 6 -8.85 35.50 8.26
CA GLU A 6 -10.30 35.46 8.16
C GLU A 6 -10.85 35.20 9.54
N VAL A 7 -11.31 36.27 10.20
CA VAL A 7 -11.80 36.19 11.57
C VAL A 7 -13.22 35.66 11.66
N HIS A 8 -13.85 35.32 10.54
CA HIS A 8 -15.23 34.85 10.58
C HIS A 8 -15.59 34.24 9.23
N HIS A 9 -16.19 33.06 9.25
CA HIS A 9 -16.59 32.33 8.07
C HIS A 9 -18.08 32.48 7.80
N GLY A 10 -18.46 32.12 6.57
CA GLY A 10 -19.81 32.33 6.07
C GLY A 10 -20.89 31.72 6.93
N GLU A 11 -20.55 30.60 7.57
CA GLU A 11 -21.41 29.90 8.50
C GLU A 11 -20.63 28.73 9.10
N GLU A 12 -20.91 28.41 10.37
CA GLU A 12 -20.21 27.33 11.07
C GLU A 12 -20.37 26.02 10.32
N GLU A 13 -19.27 25.52 9.75
CA GLU A 13 -19.35 24.39 8.85
C GLU A 13 -19.41 23.03 9.55
N VAL A 14 -19.06 22.94 10.83
CA VAL A 14 -19.18 21.69 11.59
C VAL A 14 -19.96 21.94 12.87
N GLU A 15 -21.03 21.19 13.06
CA GLU A 15 -21.87 21.32 14.25
C GLU A 15 -21.86 20.01 15.03
N THR A 16 -21.77 20.10 16.36
CA THR A 16 -21.81 18.92 17.23
C THR A 16 -23.07 18.97 18.11
N PHE A 17 -23.77 17.84 18.22
CA PHE A 17 -24.96 17.75 19.04
C PHE A 17 -24.92 16.47 19.87
N ALA A 18 -25.58 16.52 21.02
CA ALA A 18 -25.78 15.34 21.81
C ALA A 18 -27.02 14.60 21.31
N PHE A 19 -26.96 13.28 21.33
CA PHE A 19 -28.15 12.48 21.13
C PHE A 19 -29.11 12.71 22.30
N GLN A 20 -30.39 12.53 22.04
CA GLN A 20 -31.31 12.29 23.14
C GLN A 20 -30.74 11.16 24.00
N ALA A 21 -30.86 11.32 25.32
CA ALA A 21 -30.28 10.36 26.24
C ALA A 21 -30.67 8.92 25.91
N GLU A 22 -31.93 8.69 25.57
CA GLU A 22 -32.38 7.33 25.24
C GLU A 22 -31.62 6.78 24.06
N ILE A 23 -31.44 7.58 23.00
CA ILE A 23 -30.66 7.13 21.85
C ILE A 23 -29.24 6.76 22.28
N ALA A 24 -28.63 7.58 23.14
CA ALA A 24 -27.26 7.31 23.58
C ALA A 24 -27.18 6.06 24.46
N GLN A 25 -28.20 5.83 25.31
CA GLN A 25 -28.26 4.61 26.10
C GLN A 25 -28.28 3.38 25.22
N LEU A 26 -29.14 3.38 24.20
CA LEU A 26 -29.18 2.27 23.26
C LEU A 26 -27.83 2.08 22.59
N MET A 27 -27.24 3.18 22.08
CA MET A 27 -25.96 3.05 21.38
C MET A 27 -24.89 2.49 22.30
N SER A 28 -24.87 2.98 23.54
CA SER A 28 -23.90 2.47 24.50
C SER A 28 -24.14 0.99 24.77
N LEU A 29 -25.42 0.62 24.90
CA LEU A 29 -25.79 -0.77 25.08
C LEU A 29 -25.33 -1.62 23.90
N ILE A 30 -25.61 -1.16 22.68
CA ILE A 30 -25.32 -1.91 21.47
C ILE A 30 -23.82 -2.10 21.29
N ILE A 31 -23.04 -1.02 21.48
CA ILE A 31 -21.62 -1.08 21.18
C ILE A 31 -20.87 -1.84 22.25
N ASN A 32 -21.48 -2.07 23.42
CA ASN A 32 -20.76 -2.71 24.51
C ASN A 32 -21.21 -4.14 24.79
N THR A 33 -22.38 -4.57 24.31
CA THR A 33 -22.80 -5.90 24.72
C THR A 33 -22.34 -6.94 23.72
N PHE A 34 -22.33 -8.18 24.20
CA PHE A 34 -22.20 -9.33 23.35
C PHE A 34 -23.54 -9.64 22.68
N TYR A 35 -23.49 -9.90 21.38
CA TYR A 35 -24.60 -10.52 20.69
C TYR A 35 -24.00 -11.63 19.84
N SER A 36 -24.68 -12.77 19.79
CA SER A 36 -24.11 -13.97 19.17
C SER A 36 -24.19 -13.96 17.65
N ASN A 37 -24.89 -12.99 17.07
CA ASN A 37 -25.18 -13.03 15.64
C ASN A 37 -25.15 -11.61 15.10
N LYS A 38 -23.99 -10.96 15.24
CA LYS A 38 -23.89 -9.54 14.89
C LYS A 38 -24.13 -9.28 13.40
N GLU A 39 -24.06 -10.32 12.55
CA GLU A 39 -24.32 -10.16 11.12
C GLU A 39 -25.66 -9.48 10.82
N ILE A 40 -26.58 -9.40 11.78
CA ILE A 40 -27.87 -8.79 11.50
C ILE A 40 -27.73 -7.33 11.15
N PHE A 41 -26.60 -6.70 11.48
CA PHE A 41 -26.39 -5.29 11.16
C PHE A 41 -26.55 -5.04 9.67
N LEU A 42 -26.08 -5.98 8.84
CA LEU A 42 -26.19 -5.76 7.39
C LEU A 42 -27.64 -5.86 6.93
N ARG A 43 -28.40 -6.80 7.52
CA ARG A 43 -29.83 -6.86 7.22
C ARG A 43 -30.53 -5.54 7.53
N GLU A 44 -30.16 -4.91 8.65
CA GLU A 44 -30.84 -3.67 9.04
C GLU A 44 -30.52 -2.53 8.08
N LEU A 45 -29.26 -2.40 7.67
CA LEU A 45 -28.89 -1.35 6.73
C LEU A 45 -29.52 -1.59 5.37
N ILE A 46 -29.42 -2.81 4.86
CA ILE A 46 -30.07 -3.13 3.58
C ILE A 46 -31.56 -2.86 3.67
N SER A 47 -32.15 -3.08 4.85
CA SER A 47 -33.59 -2.84 4.98
C SER A 47 -33.89 -1.35 4.88
N ASN A 48 -33.07 -0.51 5.51
CA ASN A 48 -33.30 0.93 5.40
C ASN A 48 -33.05 1.43 3.99
N ALA A 49 -32.05 0.86 3.32
CA ALA A 49 -31.76 1.24 1.94
C ALA A 49 -32.92 0.88 1.01
N SER A 50 -33.46 -0.33 1.15
CA SER A 50 -34.61 -0.74 0.35
C SER A 50 -35.77 0.25 0.50
N ASP A 51 -36.03 0.73 1.72
CA ASP A 51 -37.15 1.63 1.94
C ASP A 51 -36.90 2.98 1.30
N ALA A 52 -35.67 3.48 1.43
CA ALA A 52 -35.29 4.72 0.77
C ALA A 52 -35.45 4.58 -0.74
N LEU A 53 -35.14 3.40 -1.28
CA LEU A 53 -35.29 3.16 -2.71
C LEU A 53 -36.76 3.08 -3.11
N ASP A 54 -37.59 2.46 -2.27
CA ASP A 54 -39.02 2.49 -2.54
C ASP A 54 -39.55 3.91 -2.57
N LYS A 55 -39.03 4.77 -1.68
CA LYS A 55 -39.55 6.13 -1.54
C LYS A 55 -39.31 6.94 -2.82
N ILE A 56 -38.08 6.92 -3.34
CA ILE A 56 -37.84 7.64 -4.60
C ILE A 56 -38.53 6.92 -5.75
N ARG A 57 -38.64 5.60 -5.69
CA ARG A 57 -39.33 4.88 -6.76
C ARG A 57 -40.79 5.29 -6.86
N TYR A 58 -41.44 5.55 -5.72
CA TYR A 58 -42.87 5.86 -5.81
C TYR A 58 -43.08 7.30 -6.25
N GLU A 59 -42.23 8.23 -5.81
CA GLU A 59 -42.29 9.59 -6.31
C GLU A 59 -41.92 9.68 -7.78
N SER A 60 -41.09 8.76 -8.28
CA SER A 60 -40.78 8.71 -9.71
C SER A 60 -41.97 8.29 -10.55
N LEU A 61 -42.95 7.59 -9.96
CA LEU A 61 -44.19 7.34 -10.68
C LEU A 61 -44.85 8.66 -11.07
N THR A 62 -44.90 9.59 -10.11
CA THR A 62 -45.59 10.86 -10.28
C THR A 62 -44.69 11.94 -10.88
N ASP A 63 -43.38 11.91 -10.63
CA ASP A 63 -42.46 12.88 -11.21
C ASP A 63 -41.20 12.20 -11.75
N PRO A 64 -41.20 11.83 -13.05
CA PRO A 64 -39.97 11.33 -13.69
C PRO A 64 -38.75 12.23 -13.57
N SER A 65 -38.93 13.50 -13.23
CA SER A 65 -37.80 14.41 -13.05
C SER A 65 -37.07 14.20 -11.73
N LYS A 66 -37.60 13.38 -10.83
CA LYS A 66 -36.89 13.11 -9.58
C LYS A 66 -35.73 12.15 -9.76
N LEU A 67 -35.45 11.74 -10.99
CA LEU A 67 -34.35 10.83 -11.28
C LEU A 67 -33.31 11.46 -12.19
N ASP A 68 -33.47 12.73 -12.59
CA ASP A 68 -32.37 13.43 -13.24
C ASP A 68 -31.10 13.30 -12.42
N SER A 69 -31.24 13.07 -11.12
CA SER A 69 -30.13 12.80 -10.21
C SER A 69 -29.62 11.37 -10.28
N GLY A 70 -30.30 10.47 -11.01
CA GLY A 70 -29.86 9.09 -11.13
C GLY A 70 -30.98 8.09 -11.28
N LYS A 71 -31.01 7.37 -12.41
CA LYS A 71 -32.15 6.53 -12.76
C LYS A 71 -32.04 5.09 -12.26
N GLU A 72 -30.88 4.66 -11.77
CA GLU A 72 -30.70 3.28 -11.34
C GLU A 72 -30.90 3.17 -9.82
N LEU A 73 -31.79 2.26 -9.41
CA LEU A 73 -32.08 2.01 -8.00
C LEU A 73 -31.34 0.75 -7.57
N LYS A 74 -30.31 0.91 -6.75
CA LYS A 74 -29.41 -0.20 -6.44
C LYS A 74 -28.75 0.04 -5.09
N ILE A 75 -28.20 -1.05 -4.55
CA ILE A 75 -27.37 -1.02 -3.35
C ILE A 75 -25.99 -1.57 -3.73
N ASP A 76 -24.93 -0.90 -3.29
CA ASP A 76 -23.58 -1.40 -3.47
C ASP A 76 -22.90 -1.59 -2.12
N ILE A 77 -22.03 -2.58 -2.03
CA ILE A 77 -21.34 -2.90 -0.79
C ILE A 77 -19.86 -2.95 -1.09
N ILE A 78 -19.07 -2.18 -0.36
CA ILE A 78 -17.66 -2.03 -0.68
C ILE A 78 -16.80 -2.28 0.56
N PRO A 79 -16.32 -3.50 0.77
CA PRO A 79 -15.35 -3.72 1.84
C PRO A 79 -13.98 -3.20 1.43
N ASN A 80 -13.29 -2.58 2.39
CA ASN A 80 -11.97 -2.00 2.18
C ASN A 80 -11.04 -2.50 3.27
N PRO A 81 -10.36 -3.63 3.04
CA PRO A 81 -9.56 -4.25 4.11
C PRO A 81 -8.44 -3.37 4.66
N GLN A 82 -7.88 -2.48 3.85
CA GLN A 82 -6.74 -1.70 4.29
C GLN A 82 -7.12 -0.44 5.08
N GLU A 83 -8.36 0.04 4.97
CA GLU A 83 -8.83 1.07 5.89
C GLU A 83 -9.83 0.52 6.89
N ARG A 84 -10.08 -0.79 6.87
CA ARG A 84 -10.95 -1.45 7.83
C ARG A 84 -12.33 -0.79 7.86
N THR A 85 -12.84 -0.45 6.69
CA THR A 85 -14.21 0.03 6.56
C THR A 85 -15.03 -0.90 5.69
N LEU A 86 -16.32 -0.90 5.95
CA LEU A 86 -17.31 -1.47 5.05
C LEU A 86 -18.27 -0.35 4.70
N THR A 87 -18.60 -0.21 3.43
CA THR A 87 -19.39 0.90 2.92
C THR A 87 -20.61 0.35 2.22
N LEU A 88 -21.78 0.91 2.51
CA LEU A 88 -23.00 0.65 1.77
C LEU A 88 -23.45 1.95 1.15
N VAL A 89 -23.72 1.94 -0.15
CA VAL A 89 -24.25 3.12 -0.82
C VAL A 89 -25.53 2.72 -1.53
N ASP A 90 -26.56 3.55 -1.38
CA ASP A 90 -27.80 3.32 -2.11
C ASP A 90 -28.19 4.57 -2.88
N THR A 91 -28.91 4.36 -4.00
CA THR A 91 -29.44 5.48 -4.76
C THR A 91 -30.89 5.79 -4.40
N GLY A 92 -31.27 5.63 -3.15
CA GLY A 92 -32.61 5.94 -2.69
C GLY A 92 -32.78 7.43 -2.47
N ILE A 93 -33.84 7.78 -1.75
CA ILE A 93 -34.29 9.16 -1.77
C ILE A 93 -33.36 10.09 -1.01
N GLY A 94 -32.55 9.57 -0.11
CA GLY A 94 -31.65 10.43 0.63
C GLY A 94 -32.38 11.25 1.67
N MET A 95 -31.62 12.13 2.32
CA MET A 95 -32.10 12.86 3.47
C MET A 95 -31.63 14.31 3.44
N THR A 96 -32.57 15.23 3.62
CA THR A 96 -32.22 16.62 3.84
C THR A 96 -31.40 16.76 5.11
N LYS A 97 -30.73 17.90 5.24
CA LYS A 97 -30.01 18.19 6.48
C LYS A 97 -30.95 18.13 7.68
N ALA A 98 -32.13 18.74 7.56
CA ALA A 98 -33.12 18.75 8.64
C ALA A 98 -33.47 17.33 9.12
N ASP A 99 -33.68 16.41 8.18
CA ASP A 99 -34.01 15.04 8.54
C ASP A 99 -32.79 14.24 8.98
N LEU A 100 -31.60 14.55 8.46
CA LEU A 100 -30.41 13.87 8.94
C LEU A 100 -30.26 14.06 10.45
N ILE A 101 -30.22 15.33 10.89
CA ILE A 101 -30.08 15.68 12.31
C ILE A 101 -31.26 15.15 13.11
N ASN A 102 -32.45 15.30 12.58
CA ASN A 102 -33.64 14.95 13.34
C ASN A 102 -33.76 13.44 13.47
N ASN A 103 -33.67 12.71 12.34
CA ASN A 103 -33.92 11.27 12.37
C ASN A 103 -32.90 10.53 13.20
N LEU A 104 -31.63 10.88 13.08
CA LEU A 104 -30.58 10.14 13.74
C LEU A 104 -30.24 10.67 15.13
N GLY A 105 -30.57 11.92 15.43
CA GLY A 105 -30.20 12.45 16.73
C GLY A 105 -31.32 12.69 17.72
N THR A 106 -32.57 12.55 17.29
CA THR A 106 -33.64 13.12 18.09
C THR A 106 -34.95 12.32 18.09
N ILE A 107 -35.61 12.18 16.93
CA ILE A 107 -36.93 11.56 16.92
C ILE A 107 -36.85 10.04 16.93
N ALA A 108 -35.66 9.47 16.84
CA ALA A 108 -35.45 8.07 17.19
C ALA A 108 -35.67 7.81 18.68
N LYS A 109 -35.96 8.84 19.47
CA LYS A 109 -36.16 8.70 20.91
C LYS A 109 -37.24 7.67 21.22
N SER A 110 -38.39 7.76 20.55
CA SER A 110 -39.49 6.84 20.84
C SER A 110 -39.10 5.40 20.57
N GLY A 111 -38.55 5.11 19.40
CA GLY A 111 -38.23 3.74 19.07
C GLY A 111 -37.14 3.15 19.96
N THR A 112 -36.12 3.95 20.27
CA THR A 112 -35.05 3.43 21.12
C THR A 112 -35.55 3.19 22.53
N LYS A 113 -36.47 4.03 23.00
CA LYS A 113 -37.00 3.86 24.35
C LYS A 113 -37.87 2.62 24.45
N ALA A 114 -38.81 2.44 23.50
CA ALA A 114 -39.66 1.26 23.48
C ALA A 114 -38.82 0.01 23.31
N PHE A 115 -37.67 0.14 22.66
CA PHE A 115 -36.86 -1.04 22.40
C PHE A 115 -36.10 -1.45 23.65
N MET A 116 -35.48 -0.49 24.35
CA MET A 116 -34.85 -0.83 25.63
C MET A 116 -35.88 -1.38 26.62
N GLU A 117 -37.09 -0.83 26.63
CA GLU A 117 -38.14 -1.43 27.45
C GLU A 117 -38.42 -2.85 27.00
N ALA A 118 -38.54 -3.06 25.68
CA ALA A 118 -38.80 -4.41 25.23
C ALA A 118 -37.64 -5.34 25.59
N LEU A 119 -36.40 -4.84 25.51
CA LEU A 119 -35.24 -5.65 25.93
C LEU A 119 -35.32 -6.03 27.39
N GLN A 120 -35.72 -5.11 28.26
CA GLN A 120 -35.81 -5.48 29.67
C GLN A 120 -36.83 -6.58 29.88
N ALA A 121 -37.87 -6.64 29.05
CA ALA A 121 -38.95 -7.58 29.23
C ALA A 121 -38.75 -8.86 28.43
N GLY A 122 -37.59 -9.07 27.82
CA GLY A 122 -37.27 -10.34 27.18
C GLY A 122 -36.97 -10.28 25.69
N ALA A 123 -37.00 -9.12 25.06
CA ALA A 123 -36.61 -9.08 23.65
C ALA A 123 -35.09 -9.24 23.52
N ASP A 124 -34.64 -9.51 22.30
CA ASP A 124 -33.21 -9.50 22.01
C ASP A 124 -32.92 -8.62 20.79
N ILE A 125 -31.63 -8.46 20.52
CA ILE A 125 -31.14 -7.46 19.58
C ILE A 125 -31.74 -7.63 18.18
N SER A 126 -31.95 -8.87 17.74
CA SER A 126 -32.44 -9.05 16.38
C SER A 126 -33.78 -8.39 16.10
N MET A 127 -34.53 -7.95 17.11
CA MET A 127 -35.85 -7.37 16.86
C MET A 127 -35.82 -5.86 16.71
N ILE A 128 -34.63 -5.27 16.72
CA ILE A 128 -34.45 -3.82 16.72
C ILE A 128 -35.20 -3.14 15.57
N GLY A 129 -35.22 -3.76 14.38
CA GLY A 129 -35.92 -3.18 13.24
C GLY A 129 -37.43 -3.07 13.41
N GLN A 130 -38.02 -3.94 14.25
CA GLN A 130 -39.43 -3.78 14.57
C GLN A 130 -39.71 -2.51 15.34
N PHE A 131 -38.67 -1.79 15.77
CA PHE A 131 -38.86 -0.53 16.47
C PHE A 131 -38.34 0.66 15.65
N GLY A 132 -38.06 0.46 14.37
CA GLY A 132 -37.68 1.55 13.50
C GLY A 132 -36.29 2.10 13.72
N VAL A 133 -35.47 1.47 14.57
CA VAL A 133 -34.16 2.02 14.92
C VAL A 133 -33.04 1.03 14.58
N GLY A 134 -33.23 0.23 13.54
CA GLY A 134 -32.24 -0.76 13.17
C GLY A 134 -30.89 -0.17 12.78
N PHE A 135 -30.87 1.09 12.36
CA PHE A 135 -29.60 1.71 11.95
C PHE A 135 -28.54 1.59 13.03
N TYR A 136 -28.94 1.74 14.31
CA TYR A 136 -27.94 1.76 15.37
C TYR A 136 -27.29 0.40 15.58
N SER A 137 -27.87 -0.67 15.01
CA SER A 137 -27.21 -1.96 15.04
C SER A 137 -25.85 -1.94 14.36
N ALA A 138 -25.58 -0.94 13.51
CA ALA A 138 -24.23 -0.79 12.94
C ALA A 138 -23.15 -0.82 14.01
N TYR A 139 -23.42 -0.27 15.19
CA TYR A 139 -22.42 -0.30 16.25
C TYR A 139 -22.21 -1.68 16.86
N LEU A 140 -22.96 -2.71 16.48
CA LEU A 140 -22.52 -4.05 16.84
C LEU A 140 -21.13 -4.34 16.28
N VAL A 141 -20.82 -3.82 15.09
CA VAL A 141 -19.57 -4.15 14.42
C VAL A 141 -18.66 -2.95 14.21
N ALA A 142 -19.16 -1.73 14.32
CA ALA A 142 -18.38 -0.54 14.01
C ALA A 142 -18.04 0.22 15.29
N GLU A 143 -16.83 0.74 15.35
CA GLU A 143 -16.52 1.71 16.41
C GLU A 143 -16.90 3.13 16.01
N LYS A 144 -17.11 3.38 14.73
CA LYS A 144 -17.37 4.71 14.22
C LYS A 144 -18.14 4.58 12.92
N VAL A 145 -19.22 5.33 12.81
CA VAL A 145 -20.11 5.27 11.66
C VAL A 145 -20.24 6.66 11.05
N VAL A 146 -20.14 6.72 9.73
CA VAL A 146 -20.26 7.94 8.94
C VAL A 146 -21.43 7.74 8.00
N VAL A 147 -22.27 8.76 7.84
CA VAL A 147 -23.42 8.73 6.93
C VAL A 147 -23.30 9.94 5.99
N ILE A 148 -23.22 9.68 4.69
CA ILE A 148 -23.21 10.73 3.66
C ILE A 148 -24.53 10.66 2.92
N THR A 149 -25.19 11.80 2.79
CA THR A 149 -26.52 11.74 2.22
C THR A 149 -26.77 12.93 1.30
N LYS A 150 -27.61 12.71 0.30
CA LYS A 150 -27.93 13.72 -0.69
C LYS A 150 -29.36 13.54 -1.16
N HIS A 151 -30.21 14.48 -0.81
CA HIS A 151 -31.60 14.52 -1.20
C HIS A 151 -31.76 15.54 -2.33
N ASN A 152 -32.74 15.29 -3.21
CA ASN A 152 -32.94 16.19 -4.34
C ASN A 152 -33.13 17.64 -3.91
N ASP A 153 -33.66 17.87 -2.73
CA ASP A 153 -34.05 19.21 -2.33
C ASP A 153 -33.02 19.89 -1.43
N ASP A 154 -31.82 19.33 -1.30
CA ASP A 154 -30.83 19.88 -0.39
C ASP A 154 -29.43 19.58 -0.94
N GLU A 155 -28.41 20.06 -0.23
CA GLU A 155 -27.03 19.74 -0.58
C GLU A 155 -26.62 18.45 0.11
N GLN A 156 -25.42 17.97 -0.23
CA GLN A 156 -24.86 16.78 0.38
C GLN A 156 -24.40 17.09 1.80
N TYR A 157 -24.63 16.17 2.72
CA TYR A 157 -24.26 16.38 4.11
C TYR A 157 -23.63 15.12 4.68
N ALA A 158 -22.69 15.32 5.61
CA ALA A 158 -22.03 14.23 6.30
C ALA A 158 -22.40 14.23 7.77
N TRP A 159 -22.67 13.04 8.29
CA TRP A 159 -23.01 12.75 9.68
C TRP A 159 -22.00 11.74 10.20
N GLU A 160 -21.66 11.83 11.49
CA GLU A 160 -20.62 10.99 12.05
C GLU A 160 -20.86 10.85 13.54
N SER A 161 -20.60 9.65 14.07
CA SER A 161 -20.63 9.43 15.51
C SER A 161 -19.79 8.21 15.86
N SER A 162 -19.07 8.31 16.97
CA SER A 162 -18.35 7.19 17.57
C SER A 162 -19.05 6.67 18.81
N ALA A 163 -20.33 7.00 18.99
CA ALA A 163 -21.14 6.53 20.10
C ALA A 163 -20.66 7.07 21.44
N GLY A 164 -20.06 8.26 21.43
CA GLY A 164 -19.63 8.86 22.67
C GLY A 164 -20.63 9.79 23.31
N GLY A 165 -21.90 9.72 22.90
CA GLY A 165 -22.92 10.68 23.32
C GLY A 165 -23.22 11.75 22.29
N SER A 166 -22.38 11.88 21.25
CA SER A 166 -22.50 13.02 20.36
C SER A 166 -22.38 12.58 18.91
N PHE A 167 -22.81 13.45 18.02
CA PHE A 167 -22.57 13.29 16.60
C PHE A 167 -22.26 14.66 16.04
N THR A 168 -21.70 14.68 14.85
CA THR A 168 -21.43 15.94 14.17
C THR A 168 -22.09 15.86 12.81
N VAL A 169 -22.37 17.04 12.25
CA VAL A 169 -22.93 17.13 10.92
C VAL A 169 -22.21 18.23 10.20
N ARG A 170 -21.84 18.00 8.96
CA ARG A 170 -21.12 19.02 8.20
C ARG A 170 -21.53 18.92 6.74
N ALA A 171 -21.49 20.06 6.06
CA ALA A 171 -21.59 20.04 4.61
C ALA A 171 -20.43 19.24 4.04
N ASP A 172 -20.73 18.15 3.33
CA ASP A 172 -19.68 17.30 2.80
C ASP A 172 -19.38 17.73 1.37
N HIS A 173 -18.17 18.26 1.17
CA HIS A 173 -17.61 18.46 -0.15
C HIS A 173 -16.69 17.27 -0.39
N GLY A 174 -17.27 16.18 -0.87
CA GLY A 174 -16.51 15.00 -1.25
C GLY A 174 -17.02 14.45 -2.57
N GLU A 175 -16.80 13.15 -2.81
CA GLU A 175 -17.37 12.45 -3.96
C GLU A 175 -18.86 12.72 -4.02
N PRO A 176 -19.33 13.41 -5.07
CA PRO A 176 -20.77 13.63 -5.24
C PRO A 176 -21.49 12.31 -5.51
N ILE A 177 -22.45 11.96 -4.66
CA ILE A 177 -23.18 10.70 -4.81
C ILE A 177 -24.45 10.87 -5.64
N GLY A 178 -24.80 12.08 -6.04
CA GLY A 178 -25.97 12.32 -6.86
C GLY A 178 -27.27 12.32 -6.09
N ARG A 179 -27.58 11.18 -5.46
CA ARG A 179 -28.79 11.08 -4.67
C ARG A 179 -28.74 9.81 -3.89
N GLY A 180 -29.19 9.86 -2.64
CA GLY A 180 -29.22 8.69 -1.80
C GLY A 180 -28.32 8.83 -0.61
N THR A 181 -27.89 7.70 -0.09
CA THR A 181 -27.20 7.63 1.19
C THR A 181 -26.05 6.66 1.04
N LYS A 182 -24.95 6.97 1.71
CA LYS A 182 -23.77 6.14 1.80
C LYS A 182 -23.39 6.04 3.27
N VAL A 183 -23.14 4.83 3.73
CA VAL A 183 -22.83 4.55 5.12
C VAL A 183 -21.47 3.92 5.16
N ILE A 184 -20.60 4.44 6.01
CA ILE A 184 -19.22 3.96 6.11
C ILE A 184 -19.04 3.45 7.52
N LEU A 185 -18.85 2.15 7.66
CA LEU A 185 -18.62 1.53 8.96
C LEU A 185 -17.13 1.36 9.19
N HIS A 186 -16.62 1.99 10.25
CA HIS A 186 -15.26 1.78 10.70
C HIS A 186 -15.28 0.62 11.70
N LEU A 187 -14.91 -0.58 11.23
CA LEU A 187 -15.11 -1.82 11.97
C LEU A 187 -14.16 -1.97 13.15
N LYS A 188 -14.70 -2.46 14.27
CA LYS A 188 -13.90 -2.97 15.38
C LYS A 188 -12.93 -4.03 14.89
N GLU A 189 -11.80 -4.16 15.61
CA GLU A 189 -10.69 -5.03 15.18
C GLU A 189 -11.08 -6.50 15.16
N ASP A 190 -11.98 -6.90 16.06
CA ASP A 190 -12.51 -8.25 16.15
C ASP A 190 -13.71 -8.48 15.25
N GLN A 191 -14.02 -7.53 14.36
CA GLN A 191 -15.09 -7.73 13.40
C GLN A 191 -14.62 -7.66 11.95
N THR A 192 -13.33 -7.93 11.68
CA THR A 192 -12.80 -7.80 10.33
C THR A 192 -13.27 -8.90 9.37
N GLU A 193 -14.12 -9.81 9.83
CA GLU A 193 -14.67 -10.83 8.96
C GLU A 193 -15.67 -10.26 7.97
N TYR A 194 -16.17 -9.04 8.18
CA TYR A 194 -17.09 -8.43 7.24
C TYR A 194 -16.36 -7.67 6.15
N LEU A 195 -15.06 -7.90 6.01
CA LEU A 195 -14.29 -7.41 4.89
C LEU A 195 -13.90 -8.51 3.91
N GLU A 196 -14.36 -9.73 4.14
CA GLU A 196 -14.08 -10.85 3.25
C GLU A 196 -15.28 -11.11 2.36
N GLU A 197 -14.99 -11.58 1.14
CA GLU A 197 -16.03 -11.82 0.15
C GLU A 197 -16.97 -12.93 0.57
N ARG A 198 -16.38 -14.09 0.92
CA ARG A 198 -17.18 -15.24 1.35
C ARG A 198 -18.25 -14.80 2.34
N ARG A 199 -17.83 -14.10 3.40
CA ARG A 199 -18.71 -13.87 4.54
C ARG A 199 -19.83 -12.89 4.22
N VAL A 200 -19.50 -11.77 3.57
CA VAL A 200 -20.51 -10.79 3.18
C VAL A 200 -21.51 -11.40 2.21
N LYS A 201 -21.03 -12.27 1.31
CA LYS A 201 -21.94 -13.01 0.45
C LYS A 201 -22.87 -13.92 1.28
N GLU A 202 -22.32 -14.64 2.26
CA GLU A 202 -23.16 -15.45 3.15
C GLU A 202 -24.25 -14.61 3.78
N VAL A 203 -23.90 -13.43 4.30
CA VAL A 203 -24.84 -12.65 5.08
C VAL A 203 -25.96 -12.10 4.21
N VAL A 204 -25.62 -11.56 3.03
CA VAL A 204 -26.66 -11.09 2.12
C VAL A 204 -27.58 -12.24 1.71
N LYS A 205 -26.99 -13.36 1.29
CA LYS A 205 -27.83 -14.48 0.87
C LYS A 205 -28.71 -14.98 2.01
N LYS A 206 -28.23 -14.89 3.25
CA LYS A 206 -28.98 -15.45 4.38
C LYS A 206 -30.13 -14.53 4.82
N HIS A 207 -29.95 -13.20 4.73
CA HIS A 207 -30.86 -12.24 5.34
C HIS A 207 -31.58 -11.32 4.36
N SER A 208 -30.97 -10.94 3.24
CA SER A 208 -31.58 -9.99 2.33
C SER A 208 -31.87 -10.62 0.96
N GLN A 209 -32.24 -11.90 0.95
CA GLN A 209 -32.41 -12.61 -0.32
C GLN A 209 -33.63 -12.18 -1.11
N PHE A 210 -34.55 -11.41 -0.52
CA PHE A 210 -35.74 -11.03 -1.29
C PHE A 210 -35.95 -9.53 -1.40
N ILE A 211 -34.88 -8.75 -1.19
CA ILE A 211 -34.91 -7.33 -1.49
C ILE A 211 -35.19 -7.12 -2.98
N GLY A 212 -35.97 -6.09 -3.29
CA GLY A 212 -36.34 -5.86 -4.69
C GLY A 212 -35.40 -4.97 -5.50
N TYR A 213 -34.12 -4.98 -5.17
CA TYR A 213 -33.15 -4.14 -5.84
C TYR A 213 -31.83 -4.88 -5.95
N PRO A 214 -31.03 -4.62 -6.99
CA PRO A 214 -29.75 -5.31 -7.11
C PRO A 214 -28.82 -4.93 -5.97
N ILE A 215 -28.11 -5.92 -5.43
CA ILE A 215 -27.05 -5.68 -4.45
C ILE A 215 -25.74 -6.17 -5.03
N THR A 216 -24.76 -5.28 -5.15
CA THR A 216 -23.51 -5.57 -5.83
C THR A 216 -22.33 -5.46 -4.87
N LEU A 217 -21.49 -6.49 -4.85
CA LEU A 217 -20.33 -6.55 -3.97
C LEU A 217 -19.11 -6.10 -4.76
N TYR A 218 -18.39 -5.10 -4.26
CA TYR A 218 -17.18 -4.59 -4.91
C TYR A 218 -15.98 -5.00 -4.07
N LEU A 219 -15.68 -6.30 -4.10
CA LEU A 219 -14.50 -6.87 -3.43
C LEU A 219 -13.21 -6.09 -3.64
N GLU B 12 -6.95 -0.18 -10.59
CA GLU B 12 -6.78 -0.21 -9.13
C GLU B 12 -6.99 1.17 -8.51
N GLU B 13 -7.80 1.21 -7.46
CA GLU B 13 -8.12 2.49 -6.83
C GLU B 13 -6.93 3.01 -6.02
N VAL B 14 -6.26 2.13 -5.27
CA VAL B 14 -5.24 2.51 -4.30
C VAL B 14 -4.00 1.67 -4.53
N GLU B 15 -2.84 2.30 -4.61
CA GLU B 15 -1.61 1.52 -4.61
C GLU B 15 -0.71 2.01 -3.50
N THR B 16 0.01 1.06 -2.89
CA THR B 16 1.01 1.33 -1.88
C THR B 16 2.40 1.18 -2.50
N PHE B 17 3.30 2.11 -2.18
CA PHE B 17 4.67 2.05 -2.66
C PHE B 17 5.62 2.22 -1.49
N ALA B 18 6.83 1.72 -1.65
CA ALA B 18 7.89 1.98 -0.67
C ALA B 18 8.68 3.22 -1.07
N PHE B 19 9.11 3.98 -0.08
CA PHE B 19 10.08 5.04 -0.31
C PHE B 19 11.43 4.43 -0.63
N GLN B 20 12.24 5.16 -1.41
CA GLN B 20 13.66 4.84 -1.45
C GLN B 20 14.18 4.83 -0.01
N ALA B 21 15.07 3.86 0.28
CA ALA B 21 15.52 3.66 1.66
C ALA B 21 16.01 4.97 2.30
N GLU B 22 16.77 5.77 1.56
CA GLU B 22 17.33 7.00 2.13
C GLU B 22 16.24 7.98 2.53
N ILE B 23 15.16 8.06 1.75
CA ILE B 23 14.03 8.89 2.14
C ILE B 23 13.41 8.36 3.42
N ALA B 24 13.25 7.03 3.52
CA ALA B 24 12.72 6.42 4.71
C ALA B 24 13.61 6.68 5.92
N GLN B 25 14.93 6.58 5.73
CA GLN B 25 15.86 6.79 6.85
C GLN B 25 15.72 8.21 7.40
N LEU B 26 15.48 9.19 6.54
CA LEU B 26 15.34 10.56 7.01
C LEU B 26 13.97 10.76 7.68
N MET B 27 12.91 10.18 7.10
CA MET B 27 11.61 10.25 7.76
C MET B 27 11.69 9.62 9.14
N SER B 28 12.41 8.51 9.26
CA SER B 28 12.53 7.87 10.58
C SER B 28 13.31 8.74 11.55
N LEU B 29 14.27 9.51 11.07
CA LEU B 29 15.01 10.41 11.95
C LEU B 29 14.14 11.59 12.35
N ILE B 30 13.46 12.21 11.38
CA ILE B 30 12.74 13.46 11.63
C ILE B 30 11.62 13.22 12.63
N ILE B 31 10.77 12.21 12.37
CA ILE B 31 9.62 11.92 13.22
C ILE B 31 10.01 11.45 14.61
N ASN B 32 11.29 11.18 14.86
CA ASN B 32 11.74 10.74 16.18
C ASN B 32 12.65 11.73 16.88
N THR B 33 13.19 12.74 16.20
CA THR B 33 14.16 13.62 16.82
C THR B 33 13.49 14.53 17.86
N PHE B 34 14.23 14.82 18.94
CA PHE B 34 13.81 15.78 19.95
C PHE B 34 14.31 17.19 19.66
N TYR B 35 14.52 17.49 18.38
CA TYR B 35 14.92 18.82 17.92
C TYR B 35 14.05 19.91 18.54
N SER B 36 14.69 20.88 19.19
CA SER B 36 13.99 21.97 19.87
C SER B 36 13.07 22.72 18.90
N ASN B 37 13.59 23.08 17.73
CA ASN B 37 13.04 24.14 16.88
C ASN B 37 12.11 23.57 15.81
N LYS B 38 11.00 22.95 16.24
CA LYS B 38 10.14 22.26 15.27
C LYS B 38 9.34 23.19 14.36
N GLU B 39 9.15 24.45 14.76
CA GLU B 39 8.33 25.38 13.96
C GLU B 39 8.84 25.56 12.54
N ILE B 40 10.09 25.22 12.23
CA ILE B 40 10.60 25.38 10.88
C ILE B 40 9.76 24.62 9.85
N PHE B 41 8.97 23.65 10.29
CA PHE B 41 8.17 22.87 9.33
C PHE B 41 7.29 23.78 8.49
N LEU B 42 6.75 24.85 9.10
CA LEU B 42 5.89 25.77 8.36
C LEU B 42 6.66 26.52 7.29
N ARG B 43 7.84 27.06 7.63
CA ARG B 43 8.68 27.72 6.63
C ARG B 43 8.87 26.85 5.39
N GLU B 44 9.11 25.55 5.59
CA GLU B 44 9.42 24.67 4.46
C GLU B 44 8.19 24.40 3.60
N LEU B 45 7.03 24.17 4.24
CA LEU B 45 5.79 23.99 3.49
C LEU B 45 5.45 25.25 2.69
N ILE B 46 5.51 26.42 3.34
CA ILE B 46 5.23 27.65 2.61
C ILE B 46 6.26 27.87 1.51
N SER B 47 7.51 27.45 1.74
CA SER B 47 8.52 27.63 0.70
C SER B 47 8.19 26.80 -0.53
N ASN B 48 7.75 25.55 -0.34
CA ASN B 48 7.33 24.76 -1.49
C ASN B 48 6.10 25.35 -2.14
N ALA B 49 5.18 25.88 -1.33
CA ALA B 49 3.97 26.45 -1.88
C ALA B 49 4.28 27.69 -2.71
N SER B 50 5.18 28.53 -2.20
CA SER B 50 5.64 29.70 -2.95
C SER B 50 6.24 29.31 -4.29
N ASP B 51 7.04 28.24 -4.33
CA ASP B 51 7.65 27.84 -5.60
C ASP B 51 6.61 27.37 -6.60
N ALA B 52 5.62 26.60 -6.13
CA ALA B 52 4.60 26.09 -7.04
C ALA B 52 3.77 27.23 -7.60
N LEU B 53 3.57 28.28 -6.80
CA LEU B 53 2.86 29.45 -7.30
C LEU B 53 3.67 30.18 -8.36
N ASP B 54 4.96 30.41 -8.08
CA ASP B 54 5.85 30.97 -9.09
C ASP B 54 5.75 30.25 -10.41
N LYS B 55 5.60 28.92 -10.39
CA LYS B 55 5.61 28.19 -11.65
C LYS B 55 4.32 28.37 -12.42
N ILE B 56 3.16 28.34 -11.74
CA ILE B 56 1.93 28.57 -12.48
C ILE B 56 1.88 30.02 -12.93
N ARG B 57 2.46 30.94 -12.16
CA ARG B 57 2.59 32.31 -12.67
C ARG B 57 3.41 32.32 -13.94
N TYR B 58 4.68 31.87 -13.87
CA TYR B 58 5.57 31.99 -15.01
C TYR B 58 4.98 31.31 -16.25
N GLU B 59 4.25 30.22 -16.07
CA GLU B 59 3.66 29.55 -17.22
C GLU B 59 2.50 30.34 -17.81
N SER B 60 1.83 31.17 -17.00
CA SER B 60 0.59 31.83 -17.40
C SER B 60 0.81 33.19 -18.06
N LEU B 61 2.01 33.76 -17.98
CA LEU B 61 2.27 35.02 -18.67
C LEU B 61 2.23 34.83 -20.18
N THR B 62 2.56 33.63 -20.66
CA THR B 62 2.49 33.29 -22.08
C THR B 62 1.26 32.46 -22.43
N ASP B 63 0.53 31.96 -21.43
CA ASP B 63 -0.72 31.23 -21.63
C ASP B 63 -1.65 31.53 -20.47
N PRO B 64 -2.50 32.56 -20.60
CA PRO B 64 -3.45 32.86 -19.52
C PRO B 64 -4.58 31.85 -19.38
N SER B 65 -4.68 30.87 -20.28
CA SER B 65 -5.66 29.79 -20.13
C SER B 65 -5.22 28.75 -19.11
N LYS B 66 -3.96 28.75 -18.71
CA LYS B 66 -3.57 27.90 -17.60
C LYS B 66 -4.15 28.39 -16.28
N LEU B 67 -4.90 29.50 -16.28
CA LEU B 67 -5.53 30.01 -15.08
C LEU B 67 -7.04 29.83 -15.07
N ASP B 68 -7.65 29.27 -16.12
CA ASP B 68 -9.08 29.02 -16.08
C ASP B 68 -9.43 28.02 -14.98
N SER B 69 -8.48 27.18 -14.59
CA SER B 69 -8.70 26.27 -13.48
C SER B 69 -8.45 26.95 -12.13
N GLY B 70 -8.06 28.23 -12.14
CA GLY B 70 -7.74 28.94 -10.90
C GLY B 70 -6.87 30.17 -11.09
N LYS B 71 -7.39 31.34 -10.73
CA LYS B 71 -6.80 32.63 -11.07
C LYS B 71 -6.14 33.36 -9.91
N GLU B 72 -6.78 33.35 -8.75
CA GLU B 72 -6.11 33.76 -7.52
C GLU B 72 -4.91 32.87 -7.22
N LEU B 73 -3.79 33.51 -6.90
CA LEU B 73 -2.56 32.83 -6.50
C LEU B 73 -2.34 33.12 -5.02
N LYS B 74 -2.53 32.11 -4.17
CA LYS B 74 -2.63 32.36 -2.73
C LYS B 74 -2.26 31.10 -1.96
N ILE B 75 -2.10 31.28 -0.64
CA ILE B 75 -1.83 30.20 0.31
C ILE B 75 -2.80 30.36 1.48
N ASP B 76 -3.46 29.27 1.88
CA ASP B 76 -4.40 29.28 2.99
C ASP B 76 -3.94 28.30 4.07
N ILE B 77 -4.01 28.73 5.34
CA ILE B 77 -3.51 27.97 6.49
C ILE B 77 -4.66 27.77 7.46
N ILE B 78 -5.14 26.55 7.59
CA ILE B 78 -6.37 26.27 8.33
C ILE B 78 -6.11 25.31 9.49
N PRO B 79 -6.14 25.79 10.74
CA PRO B 79 -6.11 24.87 11.88
C PRO B 79 -7.49 24.30 12.15
N ASN B 80 -7.53 23.04 12.56
CA ASN B 80 -8.74 22.43 13.08
C ASN B 80 -8.42 21.74 14.40
N PRO B 81 -8.73 22.35 15.54
CA PRO B 81 -8.39 21.71 16.83
C PRO B 81 -9.17 20.43 17.12
N GLN B 82 -10.42 20.31 16.64
CA GLN B 82 -11.18 19.09 16.98
C GLN B 82 -10.71 17.91 16.14
N GLU B 83 -10.34 18.12 14.88
CA GLU B 83 -9.74 17.07 14.07
C GLU B 83 -8.24 16.92 14.29
N ARG B 84 -7.62 17.87 15.00
CA ARG B 84 -6.17 17.86 15.25
C ARG B 84 -5.40 17.91 13.92
N THR B 85 -5.95 18.62 12.94
CA THR B 85 -5.33 18.79 11.63
C THR B 85 -4.90 20.24 11.45
N LEU B 86 -3.73 20.43 10.83
CA LEU B 86 -3.30 21.72 10.30
C LEU B 86 -3.20 21.59 8.79
N THR B 87 -3.85 22.48 8.05
CA THR B 87 -4.01 22.34 6.61
C THR B 87 -3.43 23.55 5.91
N LEU B 88 -2.66 23.32 4.85
CA LEU B 88 -2.13 24.39 4.01
C LEU B 88 -2.58 24.13 2.58
N VAL B 89 -3.25 25.10 1.96
CA VAL B 89 -3.75 24.96 0.60
C VAL B 89 -3.15 26.06 -0.25
N ASP B 90 -2.57 25.70 -1.38
CA ASP B 90 -2.05 26.69 -2.30
C ASP B 90 -2.64 26.45 -3.68
N THR B 91 -2.68 27.53 -4.47
CA THR B 91 -3.19 27.47 -5.84
C THR B 91 -2.05 27.47 -6.85
N GLY B 92 -0.94 26.81 -6.53
CA GLY B 92 0.17 26.80 -7.45
C GLY B 92 -0.09 25.82 -8.57
N ILE B 93 0.97 25.48 -9.30
CA ILE B 93 0.83 24.61 -10.46
C ILE B 93 0.34 23.21 -10.10
N GLY B 94 0.61 22.72 -8.89
CA GLY B 94 0.18 21.37 -8.55
C GLY B 94 1.03 20.31 -9.22
N MET B 95 0.63 19.06 -8.99
CA MET B 95 1.42 17.91 -9.39
C MET B 95 0.56 16.91 -10.15
N THR B 96 1.07 16.42 -11.27
CA THR B 96 0.48 15.25 -11.90
C THR B 96 0.77 14.00 -11.05
N LYS B 97 0.13 12.89 -11.41
CA LYS B 97 0.30 11.65 -10.64
C LYS B 97 1.76 11.18 -10.64
N ALA B 98 2.37 11.12 -11.82
CA ALA B 98 3.77 10.72 -11.90
C ALA B 98 4.67 11.65 -11.10
N ASP B 99 4.44 12.96 -11.17
CA ASP B 99 5.22 13.89 -10.37
C ASP B 99 5.05 13.61 -8.90
N LEU B 100 3.82 13.33 -8.47
CA LEU B 100 3.56 13.13 -7.06
C LEU B 100 4.23 11.85 -6.57
N ILE B 101 4.18 10.79 -7.37
CA ILE B 101 4.86 9.55 -6.99
C ILE B 101 6.38 9.75 -7.01
N ASN B 102 6.91 10.31 -8.09
CA ASN B 102 8.37 10.48 -8.19
C ASN B 102 8.89 11.46 -7.13
N ASN B 103 8.31 12.68 -7.07
CA ASN B 103 8.86 13.73 -6.22
C ASN B 103 8.87 13.30 -4.76
N LEU B 104 7.83 12.64 -4.30
CA LEU B 104 7.71 12.38 -2.88
C LEU B 104 8.27 11.01 -2.49
N GLY B 105 8.36 10.08 -3.46
CA GLY B 105 8.73 8.71 -3.17
C GLY B 105 10.12 8.33 -3.62
N THR B 106 10.63 8.98 -4.68
CA THR B 106 11.79 8.50 -5.43
C THR B 106 12.90 9.54 -5.60
N ILE B 107 12.67 10.59 -6.39
CA ILE B 107 13.76 11.47 -6.81
C ILE B 107 14.28 12.36 -5.69
N ALA B 108 13.64 12.32 -4.53
CA ALA B 108 14.15 13.00 -3.34
C ALA B 108 15.33 12.28 -2.71
N LYS B 109 15.75 11.14 -3.29
CA LYS B 109 16.80 10.34 -2.68
C LYS B 109 18.11 11.11 -2.59
N SER B 110 18.46 11.86 -3.64
CA SER B 110 19.72 12.60 -3.63
C SER B 110 19.74 13.63 -2.51
N GLY B 111 18.69 14.44 -2.42
CA GLY B 111 18.62 15.42 -1.35
C GLY B 111 18.68 14.80 0.04
N THR B 112 17.84 13.80 0.30
CA THR B 112 17.79 13.24 1.65
C THR B 112 19.09 12.56 2.01
N LYS B 113 19.69 11.82 1.08
CA LYS B 113 20.95 11.14 1.36
C LYS B 113 22.09 12.12 1.55
N ALA B 114 22.12 13.19 0.76
CA ALA B 114 23.09 14.23 1.02
C ALA B 114 22.77 14.96 2.32
N PHE B 115 21.49 15.02 2.70
CA PHE B 115 21.15 15.73 3.92
C PHE B 115 21.58 14.95 5.16
N MET B 116 21.48 13.63 5.15
CA MET B 116 21.93 12.86 6.29
C MET B 116 23.45 12.90 6.43
N GLU B 117 24.18 12.83 5.31
CA GLU B 117 25.62 13.01 5.34
C GLU B 117 26.00 14.35 5.96
N ALA B 118 25.22 15.40 5.64
CA ALA B 118 25.45 16.71 6.23
C ALA B 118 25.22 16.69 7.73
N LEU B 119 24.11 16.07 8.17
CA LEU B 119 23.85 15.97 9.61
C LEU B 119 24.93 15.16 10.30
N GLN B 120 25.37 14.05 9.68
CA GLN B 120 26.47 13.27 10.22
C GLN B 120 27.71 14.13 10.40
N ALA B 121 27.89 15.14 9.55
CA ALA B 121 29.07 16.00 9.60
C ALA B 121 28.84 17.27 10.42
N GLY B 122 27.68 17.42 11.05
CA GLY B 122 27.48 18.48 12.03
C GLY B 122 26.45 19.52 11.65
N ALA B 123 25.85 19.43 10.47
CA ALA B 123 24.72 20.29 10.14
C ALA B 123 23.60 20.07 11.16
N ASP B 124 22.62 20.96 11.11
CA ASP B 124 21.44 20.82 11.95
C ASP B 124 20.20 20.79 11.08
N ILE B 125 19.06 20.55 11.74
CA ILE B 125 17.85 20.18 11.02
C ILE B 125 17.22 21.37 10.32
N SER B 126 17.45 22.60 10.79
CA SER B 126 16.91 23.77 10.09
C SER B 126 17.51 23.97 8.69
N MET B 127 18.54 23.21 8.29
CA MET B 127 19.11 23.35 6.96
C MET B 127 18.43 22.50 5.90
N ILE B 128 17.38 21.75 6.25
CA ILE B 128 16.82 20.75 5.34
C ILE B 128 16.43 21.33 3.98
N GLY B 129 15.94 22.57 3.93
CA GLY B 129 15.47 23.12 2.67
C GLY B 129 16.57 23.40 1.66
N GLN B 130 17.80 23.58 2.11
CA GLN B 130 18.92 23.70 1.18
C GLN B 130 19.20 22.41 0.44
N PHE B 131 18.58 21.30 0.80
CA PHE B 131 18.77 20.04 0.10
C PHE B 131 17.56 19.66 -0.72
N GLY B 132 16.57 20.55 -0.81
CA GLY B 132 15.38 20.37 -1.61
C GLY B 132 14.39 19.38 -1.06
N VAL B 133 14.52 18.97 0.19
CA VAL B 133 13.68 17.92 0.73
C VAL B 133 12.99 18.42 1.99
N GLY B 134 12.75 19.74 2.05
CA GLY B 134 12.17 20.35 3.24
C GLY B 134 10.76 19.89 3.54
N PHE B 135 10.06 19.33 2.56
CA PHE B 135 8.70 18.84 2.80
C PHE B 135 8.67 17.79 3.92
N TYR B 136 9.71 16.97 4.05
CA TYR B 136 9.67 15.94 5.09
C TYR B 136 9.82 16.49 6.51
N SER B 137 10.11 17.79 6.68
CA SER B 137 10.10 18.35 8.03
C SER B 137 8.70 18.40 8.63
N ALA B 138 7.67 18.11 7.84
CA ALA B 138 6.33 18.03 8.41
C ALA B 138 6.25 17.01 9.52
N TYR B 139 7.02 15.93 9.43
CA TYR B 139 6.95 14.90 10.44
C TYR B 139 7.63 15.29 11.75
N LEU B 140 8.13 16.53 11.84
CA LEU B 140 8.52 17.06 13.13
C LEU B 140 7.31 17.21 14.04
N VAL B 141 6.17 17.58 13.47
CA VAL B 141 4.98 17.84 14.26
C VAL B 141 3.81 16.92 13.90
N ALA B 142 3.88 16.21 12.79
CA ALA B 142 2.78 15.38 12.31
C ALA B 142 3.14 13.91 12.41
N GLU B 143 2.16 13.10 12.85
CA GLU B 143 2.27 11.64 12.78
C GLU B 143 1.82 11.09 11.43
N LYS B 144 1.05 11.87 10.67
CA LYS B 144 0.56 11.47 9.36
C LYS B 144 0.37 12.71 8.52
N VAL B 145 0.78 12.63 7.26
CA VAL B 145 0.61 13.70 6.30
C VAL B 145 -0.18 13.18 5.10
N VAL B 146 -1.16 13.96 4.67
CA VAL B 146 -1.92 13.73 3.45
C VAL B 146 -1.64 14.89 2.51
N VAL B 147 -1.46 14.58 1.23
CA VAL B 147 -1.22 15.58 0.19
C VAL B 147 -2.23 15.36 -0.94
N ILE B 148 -3.21 16.29 -1.09
CA ILE B 148 -4.11 16.32 -2.24
C ILE B 148 -3.53 17.26 -3.28
N THR B 149 -3.56 16.86 -4.55
CA THR B 149 -2.96 17.72 -5.56
C THR B 149 -3.71 17.60 -6.88
N LYS B 150 -3.70 18.70 -7.63
CA LYS B 150 -4.36 18.82 -8.92
C LYS B 150 -3.57 19.72 -9.86
N HIS B 151 -3.27 19.19 -11.03
CA HIS B 151 -2.49 19.86 -12.07
C HIS B 151 -3.33 19.90 -13.34
N ASN B 152 -3.14 20.93 -14.17
CA ASN B 152 -4.04 21.10 -15.30
C ASN B 152 -4.01 19.92 -16.26
N ASP B 153 -2.89 19.23 -16.36
CA ASP B 153 -2.76 18.12 -17.30
C ASP B 153 -3.21 16.77 -16.73
N ASP B 154 -3.67 16.72 -15.47
CA ASP B 154 -4.07 15.45 -14.89
C ASP B 154 -5.29 15.68 -13.99
N GLU B 155 -5.78 14.59 -13.40
CA GLU B 155 -6.85 14.61 -12.42
C GLU B 155 -6.29 14.78 -11.00
N GLN B 156 -7.18 14.83 -10.01
CA GLN B 156 -6.82 15.09 -8.62
C GLN B 156 -6.43 13.81 -7.88
N TYR B 157 -5.32 13.85 -7.17
CA TYR B 157 -4.78 12.65 -6.53
C TYR B 157 -4.48 12.92 -5.06
N ALA B 158 -4.62 11.86 -4.26
CA ALA B 158 -4.35 11.91 -2.83
C ALA B 158 -3.14 11.05 -2.51
N TRP B 159 -2.24 11.58 -1.70
CA TRP B 159 -1.04 10.89 -1.23
C TRP B 159 -1.07 10.96 0.28
N GLU B 160 -0.70 9.86 0.94
CA GLU B 160 -0.58 9.92 2.39
C GLU B 160 0.60 9.05 2.82
N SER B 161 1.09 9.31 4.03
CA SER B 161 2.09 8.46 4.64
C SER B 161 2.15 8.74 6.12
N SER B 162 2.40 7.69 6.89
CA SER B 162 2.64 7.79 8.32
C SER B 162 4.08 7.45 8.68
N ALA B 163 5.01 7.62 7.73
CA ALA B 163 6.43 7.28 7.92
C ALA B 163 6.62 5.82 8.32
N GLY B 164 5.84 4.91 7.75
CA GLY B 164 6.05 3.51 8.02
C GLY B 164 6.83 2.77 6.97
N GLY B 165 7.69 3.48 6.25
CA GLY B 165 8.36 2.94 5.09
C GLY B 165 7.61 3.11 3.78
N SER B 166 6.33 3.41 3.83
CA SER B 166 5.52 3.36 2.63
C SER B 166 4.58 4.56 2.56
N PHE B 167 4.02 4.78 1.37
CA PHE B 167 2.98 5.78 1.16
C PHE B 167 1.94 5.18 0.23
N THR B 168 0.77 5.79 0.20
CA THR B 168 -0.26 5.34 -0.73
C THR B 168 -0.61 6.49 -1.67
N VAL B 169 -1.11 6.14 -2.84
CA VAL B 169 -1.60 7.11 -3.81
C VAL B 169 -2.94 6.60 -4.31
N ARG B 170 -3.91 7.50 -4.47
CA ARG B 170 -5.23 7.15 -4.99
C ARG B 170 -5.81 8.34 -5.72
N ALA B 171 -6.71 8.07 -6.66
CA ALA B 171 -7.51 9.13 -7.26
C ALA B 171 -8.46 9.68 -6.22
N ASP B 172 -8.43 11.00 -6.02
CA ASP B 172 -9.22 11.66 -4.99
C ASP B 172 -10.42 12.33 -5.66
N HIS B 173 -11.58 11.71 -5.55
CA HIS B 173 -12.80 12.33 -6.05
C HIS B 173 -13.43 13.26 -5.04
N GLY B 174 -12.73 13.55 -3.93
CA GLY B 174 -13.22 14.46 -2.91
C GLY B 174 -13.39 15.88 -3.41
N GLU B 175 -13.48 16.83 -2.47
CA GLU B 175 -13.69 18.24 -2.81
C GLU B 175 -12.66 18.69 -3.86
N PRO B 176 -13.10 19.17 -5.01
CA PRO B 176 -12.14 19.59 -6.03
C PRO B 176 -11.41 20.84 -5.57
N ILE B 177 -10.15 20.94 -5.95
CA ILE B 177 -9.40 22.16 -5.66
C ILE B 177 -9.08 22.95 -6.91
N GLY B 178 -9.41 22.43 -8.09
CA GLY B 178 -9.24 23.17 -9.32
C GLY B 178 -7.81 23.18 -9.79
N ARG B 179 -6.93 23.78 -8.98
CA ARG B 179 -5.51 23.68 -9.24
C ARG B 179 -4.77 23.91 -7.93
N GLY B 180 -3.65 23.21 -7.79
CA GLY B 180 -2.75 23.46 -6.69
C GLY B 180 -2.54 22.27 -5.78
N THR B 181 -2.18 22.52 -4.53
CA THR B 181 -1.85 21.43 -3.62
C THR B 181 -2.39 21.73 -2.24
N LYS B 182 -2.86 20.69 -1.56
CA LYS B 182 -3.35 20.77 -0.20
C LYS B 182 -2.57 19.76 0.64
N VAL B 183 -2.14 20.21 1.82
CA VAL B 183 -1.30 19.45 2.72
C VAL B 183 -2.00 19.41 4.07
N ILE B 184 -2.34 18.20 4.53
CA ILE B 184 -3.08 18.01 5.77
C ILE B 184 -2.13 17.35 6.75
N LEU B 185 -1.80 18.07 7.81
CA LEU B 185 -0.90 17.56 8.83
C LEU B 185 -1.73 17.02 9.99
N HIS B 186 -1.58 15.73 10.28
CA HIS B 186 -2.22 15.09 11.43
C HIS B 186 -1.23 15.15 12.58
N LEU B 187 -1.46 16.07 13.52
CA LEU B 187 -0.41 16.46 14.45
C LEU B 187 -0.22 15.43 15.55
N LYS B 188 1.03 15.32 16.01
CA LYS B 188 1.32 14.54 17.19
C LYS B 188 0.63 15.17 18.39
N GLU B 189 0.56 14.43 19.50
CA GLU B 189 -0.19 14.96 20.63
C GLU B 189 0.59 16.03 21.38
N ASP B 190 1.91 16.02 21.34
CA ASP B 190 2.71 17.04 21.99
C ASP B 190 3.01 18.25 21.09
N GLN B 191 2.31 18.40 19.97
CA GLN B 191 2.57 19.53 19.08
C GLN B 191 1.29 20.26 18.73
N THR B 192 0.29 20.20 19.61
CA THR B 192 -1.00 20.80 19.33
C THR B 192 -0.98 22.32 19.41
N GLU B 193 0.14 22.93 19.83
CA GLU B 193 0.25 24.37 19.84
C GLU B 193 0.04 24.98 18.46
N TYR B 194 0.42 24.25 17.39
CA TYR B 194 0.27 24.73 16.02
C TYR B 194 -1.15 24.62 15.52
N LEU B 195 -2.10 24.39 16.42
CA LEU B 195 -3.52 24.45 16.11
C LEU B 195 -4.15 25.77 16.52
N GLU B 196 -3.41 26.63 17.22
CA GLU B 196 -3.95 27.89 17.70
C GLU B 196 -3.43 29.06 16.85
N GLU B 197 -4.34 29.97 16.50
CA GLU B 197 -4.04 31.03 15.53
C GLU B 197 -2.90 31.93 16.01
N ARG B 198 -2.90 32.26 17.31
CA ARG B 198 -1.80 33.03 17.88
C ARG B 198 -0.45 32.42 17.54
N ARG B 199 -0.33 31.11 17.68
CA ARG B 199 0.98 30.48 17.50
C ARG B 199 1.39 30.46 16.02
N VAL B 200 0.48 30.07 15.14
CA VAL B 200 0.82 30.03 13.71
C VAL B 200 1.15 31.41 13.19
N LYS B 201 0.52 32.44 13.76
CA LYS B 201 0.80 33.82 13.39
C LYS B 201 2.28 34.15 13.60
N GLU B 202 2.79 33.92 14.81
CA GLU B 202 4.20 34.14 15.09
C GLU B 202 5.10 33.41 14.09
N VAL B 203 4.86 32.12 13.90
CA VAL B 203 5.73 31.31 13.04
C VAL B 203 5.83 31.89 11.63
N VAL B 204 4.72 32.29 11.02
CA VAL B 204 4.79 32.87 9.67
C VAL B 204 5.60 34.17 9.69
N LYS B 205 5.24 35.09 10.58
CA LYS B 205 5.91 36.38 10.60
C LYS B 205 7.41 36.21 10.85
N LYS B 206 7.78 35.29 11.73
CA LYS B 206 9.19 35.03 12.00
C LYS B 206 9.90 34.40 10.80
N HIS B 207 9.19 33.63 9.95
CA HIS B 207 9.87 32.81 8.97
C HIS B 207 9.46 33.07 7.52
N SER B 208 8.28 33.62 7.26
CA SER B 208 7.78 33.71 5.90
C SER B 208 7.28 35.12 5.56
N GLN B 209 7.84 36.13 6.23
CA GLN B 209 7.35 37.49 6.06
C GLN B 209 7.57 38.06 4.68
N PHE B 210 8.40 37.43 3.83
CA PHE B 210 8.64 37.99 2.50
C PHE B 210 8.35 37.00 1.38
N ILE B 211 7.41 36.09 1.63
CA ILE B 211 6.76 35.37 0.55
C ILE B 211 5.94 36.38 -0.26
N GLY B 212 5.91 36.20 -1.58
CA GLY B 212 5.24 37.16 -2.44
C GLY B 212 3.81 36.84 -2.83
N TYR B 213 3.10 36.07 -2.00
CA TYR B 213 1.71 35.71 -2.24
C TYR B 213 0.94 35.84 -0.94
N PRO B 214 -0.31 36.28 -1.00
CA PRO B 214 -1.10 36.39 0.24
C PRO B 214 -1.28 35.03 0.90
N ILE B 215 -1.15 35.04 2.25
CA ILE B 215 -1.31 33.88 3.12
C ILE B 215 -2.44 34.21 4.10
N THR B 216 -3.61 33.61 3.90
CA THR B 216 -4.71 33.86 4.82
C THR B 216 -4.77 32.78 5.90
N LEU B 217 -5.01 33.24 7.14
CA LEU B 217 -5.21 32.38 8.30
C LEU B 217 -6.68 32.30 8.63
N TYR B 218 -7.17 31.09 8.78
CA TYR B 218 -8.57 30.81 9.09
C TYR B 218 -8.65 30.27 10.50
N LEU B 219 -9.35 30.99 11.40
CA LEU B 219 -9.38 30.59 12.81
C LEU B 219 -10.17 29.29 13.04
N GLY C 1 44.96 31.89 -16.45
CA GLY C 1 44.88 30.94 -15.36
C GLY C 1 45.46 29.57 -15.69
N HIS C 2 45.33 28.65 -14.74
CA HIS C 2 45.92 27.32 -14.91
C HIS C 2 44.93 26.26 -14.50
N MET C 3 44.55 26.24 -13.24
CA MET C 3 43.68 25.15 -12.82
C MET C 3 42.39 25.63 -12.17
N PRO C 4 41.45 26.19 -12.93
CA PRO C 4 40.07 26.31 -12.42
C PRO C 4 39.54 24.91 -12.15
N GLU C 5 38.56 24.83 -11.26
CA GLU C 5 37.98 23.53 -10.96
C GLU C 5 36.49 23.71 -10.69
N GLU C 6 35.65 23.11 -11.54
CA GLU C 6 34.21 23.21 -11.44
C GLU C 6 33.81 22.28 -10.30
N VAL C 7 33.69 22.88 -9.12
CA VAL C 7 33.27 22.24 -7.88
C VAL C 7 31.91 21.64 -8.10
N HIS C 8 31.01 22.47 -8.57
CA HIS C 8 29.60 22.14 -8.61
C HIS C 8 29.19 22.09 -10.08
N HIS C 9 28.97 20.88 -10.58
CA HIS C 9 28.23 20.71 -11.82
C HIS C 9 26.78 21.15 -11.57
N GLY C 10 26.18 21.72 -12.62
CA GLY C 10 24.82 22.21 -12.58
C GLY C 10 23.86 21.37 -11.79
N GLU C 11 23.53 20.17 -12.28
CA GLU C 11 22.70 19.24 -11.53
C GLU C 11 23.42 17.90 -11.50
N GLU C 12 22.72 16.87 -11.01
CA GLU C 12 23.25 15.52 -11.00
C GLU C 12 22.96 14.90 -12.36
N GLU C 13 24.01 14.63 -13.13
CA GLU C 13 23.86 14.06 -14.47
C GLU C 13 23.21 12.68 -14.43
N VAL C 14 23.69 11.81 -13.54
CA VAL C 14 23.21 10.43 -13.45
C VAL C 14 22.76 10.17 -12.01
N GLU C 15 21.54 9.69 -11.85
CA GLU C 15 21.00 9.32 -10.56
C GLU C 15 20.72 7.82 -10.53
N THR C 16 20.86 7.22 -9.35
CA THR C 16 20.63 5.80 -9.14
C THR C 16 19.48 5.60 -8.18
N PHE C 17 18.60 4.65 -8.49
CA PHE C 17 17.38 4.42 -7.72
C PHE C 17 17.17 2.94 -7.50
N ALA C 18 16.43 2.60 -6.45
CA ALA C 18 16.03 1.21 -6.22
C ALA C 18 14.64 0.95 -6.80
N PHE C 19 14.53 -0.16 -7.53
CA PHE C 19 13.20 -0.69 -7.84
C PHE C 19 12.44 -0.88 -6.55
N GLN C 20 11.12 -0.75 -6.63
CA GLN C 20 10.27 -1.38 -5.62
C GLN C 20 10.61 -2.85 -5.49
N ALA C 21 10.43 -3.39 -4.28
CA ALA C 21 10.86 -4.75 -3.97
C ALA C 21 10.23 -5.75 -4.90
N GLU C 22 8.92 -5.63 -5.15
CA GLU C 22 8.21 -6.56 -6.00
C GLU C 22 8.81 -6.62 -7.39
N ILE C 23 9.32 -5.49 -7.89
CA ILE C 23 9.91 -5.45 -9.22
C ILE C 23 11.28 -6.09 -9.20
N ALA C 24 12.05 -5.87 -8.12
CA ALA C 24 13.37 -6.47 -8.07
C ALA C 24 13.28 -7.98 -7.98
N GLN C 25 12.28 -8.46 -7.23
CA GLN C 25 12.12 -9.89 -7.03
C GLN C 25 11.74 -10.58 -8.33
N LEU C 26 10.83 -9.99 -9.10
CA LEU C 26 10.53 -10.52 -10.43
C LEU C 26 11.76 -10.51 -11.34
N MET C 27 12.48 -9.38 -11.39
CA MET C 27 13.69 -9.32 -12.21
C MET C 27 14.67 -10.43 -11.84
N SER C 28 14.80 -10.73 -10.55
CA SER C 28 15.65 -11.83 -10.14
C SER C 28 15.12 -13.15 -10.65
N LEU C 29 13.81 -13.36 -10.54
CA LEU C 29 13.22 -14.57 -11.07
C LEU C 29 13.53 -14.70 -12.56
N ILE C 30 13.28 -13.62 -13.31
CA ILE C 30 13.32 -13.72 -14.77
C ILE C 30 14.75 -13.91 -15.27
N ILE C 31 15.71 -13.16 -14.70
CA ILE C 31 17.07 -13.23 -15.24
C ILE C 31 17.72 -14.59 -14.95
N ASN C 32 17.23 -15.31 -13.93
CA ASN C 32 17.87 -16.53 -13.47
C ASN C 32 17.12 -17.81 -13.81
N THR C 33 15.98 -17.72 -14.50
CA THR C 33 15.12 -18.88 -14.65
C THR C 33 15.56 -19.75 -15.83
N PHE C 34 15.40 -21.06 -15.66
CA PHE C 34 15.71 -22.01 -16.73
C PHE C 34 14.49 -22.31 -17.62
N TYR C 35 13.47 -21.45 -17.56
CA TYR C 35 12.40 -21.46 -18.53
C TYR C 35 12.92 -21.68 -19.94
N SER C 36 12.39 -22.69 -20.62
CA SER C 36 12.96 -23.10 -21.90
C SER C 36 12.54 -22.16 -23.04
N ASN C 37 11.35 -21.57 -22.97
CA ASN C 37 10.79 -20.80 -24.08
C ASN C 37 11.16 -19.32 -23.95
N LYS C 38 12.48 -19.06 -23.98
CA LYS C 38 12.95 -17.69 -23.80
C LYS C 38 12.68 -16.78 -24.99
N GLU C 39 12.43 -17.33 -26.19
CA GLU C 39 12.21 -16.49 -27.35
C GLU C 39 11.09 -15.46 -27.16
N ILE C 40 10.18 -15.67 -26.22
CA ILE C 40 9.02 -14.79 -26.07
C ILE C 40 9.36 -13.37 -25.68
N PHE C 41 10.59 -13.09 -25.23
CA PHE C 41 10.95 -11.70 -24.92
C PHE C 41 10.67 -10.81 -26.12
N LEU C 42 10.92 -11.32 -27.32
CA LEU C 42 10.76 -10.50 -28.51
C LEU C 42 9.30 -10.14 -28.73
N ARG C 43 8.39 -11.09 -28.54
CA ARG C 43 6.98 -10.79 -28.63
C ARG C 43 6.59 -9.66 -27.68
N GLU C 44 7.11 -9.68 -26.44
CA GLU C 44 6.77 -8.66 -25.46
C GLU C 44 7.35 -7.28 -25.81
N LEU C 45 8.60 -7.23 -26.32
CA LEU C 45 9.16 -5.95 -26.75
C LEU C 45 8.38 -5.37 -27.93
N ILE C 46 8.15 -6.20 -28.96
CA ILE C 46 7.42 -5.73 -30.13
C ILE C 46 6.02 -5.27 -29.74
N SER C 47 5.42 -5.94 -28.75
CA SER C 47 4.07 -5.59 -28.34
C SER C 47 4.05 -4.21 -27.69
N ASN C 48 5.00 -3.96 -26.78
CA ASN C 48 5.10 -2.62 -26.19
C ASN C 48 5.40 -1.57 -27.24
N ALA C 49 6.21 -1.91 -28.25
CA ALA C 49 6.54 -0.93 -29.28
C ALA C 49 5.35 -0.66 -30.19
N SER C 50 4.52 -1.68 -30.42
CA SER C 50 3.27 -1.48 -31.14
C SER C 50 2.33 -0.57 -30.35
N ASP C 51 2.34 -0.68 -29.01
CA ASP C 51 1.43 0.13 -28.20
C ASP C 51 1.87 1.60 -28.17
N ALA C 52 3.18 1.83 -28.16
CA ALA C 52 3.70 3.19 -28.24
C ALA C 52 3.44 3.80 -29.62
N LEU C 53 3.53 2.98 -30.68
CA LEU C 53 3.25 3.48 -32.01
C LEU C 53 1.77 3.78 -32.21
N ASP C 54 0.89 2.93 -31.67
CA ASP C 54 -0.54 3.25 -31.69
C ASP C 54 -0.81 4.59 -31.04
N LYS C 55 -0.13 4.88 -29.94
CA LYS C 55 -0.46 6.08 -29.20
C LYS C 55 -0.09 7.34 -29.97
N ILE C 56 1.15 7.41 -30.48
CA ILE C 56 1.51 8.59 -31.26
C ILE C 56 0.67 8.67 -32.53
N ARG C 57 0.27 7.53 -33.10
CA ARG C 57 -0.53 7.53 -34.30
C ARG C 57 -1.89 8.16 -34.04
N TYR C 58 -2.58 7.70 -32.98
CA TYR C 58 -3.89 8.27 -32.68
C TYR C 58 -3.76 9.70 -32.17
N GLU C 59 -2.81 9.94 -31.27
CA GLU C 59 -2.56 11.29 -30.77
C GLU C 59 -2.31 12.26 -31.91
N SER C 60 -1.78 11.77 -33.02
CA SER C 60 -1.45 12.62 -34.15
C SER C 60 -2.64 12.92 -35.06
N LEU C 61 -3.78 12.24 -34.86
CA LEU C 61 -4.92 12.47 -35.73
C LEU C 61 -5.47 13.89 -35.57
N THR C 62 -5.50 14.38 -34.33
CA THR C 62 -5.96 15.73 -34.04
C THR C 62 -4.86 16.78 -34.15
N ASP C 63 -3.60 16.39 -33.96
CA ASP C 63 -2.46 17.29 -34.10
C ASP C 63 -1.36 16.57 -34.90
N PRO C 64 -1.39 16.68 -36.24
CA PRO C 64 -0.34 16.03 -37.03
C PRO C 64 1.03 16.71 -36.91
N SER C 65 1.12 17.80 -36.13
CA SER C 65 2.40 18.42 -35.81
C SER C 65 3.18 17.63 -34.75
N LYS C 66 2.64 16.49 -34.33
CA LYS C 66 3.36 15.63 -33.41
C LYS C 66 4.28 14.66 -34.13
N LEU C 67 4.21 14.60 -35.45
CA LEU C 67 5.15 13.82 -36.25
C LEU C 67 6.14 14.71 -36.99
N ASP C 68 6.33 15.96 -36.54
CA ASP C 68 7.46 16.72 -37.05
C ASP C 68 8.79 16.17 -36.54
N SER C 69 8.74 15.30 -35.52
CA SER C 69 9.87 14.54 -35.04
C SER C 69 10.08 13.22 -35.80
N GLY C 70 9.31 12.95 -36.85
CA GLY C 70 9.45 11.71 -37.60
C GLY C 70 8.13 11.12 -38.06
N LYS C 71 7.93 11.02 -39.38
CA LYS C 71 6.63 10.61 -39.91
C LYS C 71 6.43 9.10 -39.92
N GLU C 72 7.48 8.31 -40.13
CA GLU C 72 7.31 6.88 -40.28
C GLU C 72 7.11 6.22 -38.92
N LEU C 73 6.16 5.27 -38.88
CA LEU C 73 5.84 4.49 -37.69
C LEU C 73 6.32 3.06 -37.92
N LYS C 74 7.47 2.73 -37.33
CA LYS C 74 8.13 1.47 -37.63
C LYS C 74 8.87 0.97 -36.40
N ILE C 75 9.19 -0.32 -36.41
CA ILE C 75 10.07 -0.98 -35.45
C ILE C 75 11.27 -1.54 -36.20
N ASP C 76 12.46 -1.35 -35.64
CA ASP C 76 13.68 -1.86 -36.26
C ASP C 76 14.40 -2.78 -35.28
N ILE C 77 14.96 -3.87 -35.80
CA ILE C 77 15.69 -4.86 -35.00
C ILE C 77 17.11 -4.98 -35.51
N ILE C 78 18.08 -4.77 -34.63
CA ILE C 78 19.47 -4.63 -35.03
C ILE C 78 20.37 -5.52 -34.19
N PRO C 79 20.66 -6.75 -34.60
CA PRO C 79 21.62 -7.56 -33.83
C PRO C 79 23.06 -7.18 -34.15
N ASN C 80 23.93 -7.34 -33.16
CA ASN C 80 25.33 -6.94 -33.25
C ASN C 80 26.19 -8.02 -32.59
N PRO C 81 26.74 -8.94 -33.38
CA PRO C 81 27.47 -10.06 -32.78
C PRO C 81 28.73 -9.65 -32.03
N GLN C 82 29.47 -8.67 -32.52
CA GLN C 82 30.74 -8.35 -31.88
C GLN C 82 30.56 -7.43 -30.68
N GLU C 83 29.38 -6.86 -30.47
CA GLU C 83 29.07 -6.19 -29.22
C GLU C 83 28.12 -7.00 -28.35
N ARG C 84 27.69 -8.17 -28.82
CA ARG C 84 26.71 -9.04 -28.18
C ARG C 84 25.46 -8.29 -27.73
N THR C 85 24.97 -7.39 -28.59
CA THR C 85 23.74 -6.65 -28.29
C THR C 85 22.69 -6.87 -29.36
N LEU C 86 21.45 -7.01 -28.91
CA LEU C 86 20.25 -6.93 -29.75
C LEU C 86 19.55 -5.62 -29.42
N THR C 87 19.19 -4.87 -30.45
CA THR C 87 18.57 -3.56 -30.28
C THR C 87 17.21 -3.51 -30.97
N LEU C 88 16.22 -2.90 -30.30
CA LEU C 88 14.93 -2.62 -30.90
C LEU C 88 14.64 -1.12 -30.81
N VAL C 89 14.40 -0.50 -31.96
CA VAL C 89 14.05 0.92 -32.05
C VAL C 89 12.62 1.02 -32.54
N ASP C 90 11.80 1.84 -31.87
CA ASP C 90 10.47 2.15 -32.38
C ASP C 90 10.35 3.66 -32.51
N THR C 91 9.58 4.11 -33.49
CA THR C 91 9.36 5.55 -33.65
C THR C 91 8.02 5.97 -33.05
N GLY C 92 7.63 5.33 -31.93
CA GLY C 92 6.38 5.61 -31.25
C GLY C 92 6.43 6.87 -30.41
N ILE C 93 5.66 6.89 -29.33
CA ILE C 93 5.47 8.13 -28.59
C ILE C 93 6.63 8.41 -27.64
N GLY C 94 7.36 7.38 -27.21
CA GLY C 94 8.44 7.59 -26.27
C GLY C 94 7.92 7.94 -24.90
N MET C 95 8.83 8.16 -23.95
CA MET C 95 8.52 8.38 -22.54
C MET C 95 9.24 9.61 -22.04
N THR C 96 8.53 10.48 -21.32
CA THR C 96 9.15 11.56 -20.59
C THR C 96 9.99 11.00 -19.44
N LYS C 97 10.85 11.85 -18.88
CA LYS C 97 11.69 11.41 -17.76
C LYS C 97 10.84 10.93 -16.58
N ALA C 98 9.88 11.76 -16.15
CA ALA C 98 8.97 11.36 -15.09
C ALA C 98 8.33 10.01 -15.36
N ASP C 99 7.91 9.75 -16.60
CA ASP C 99 7.29 8.47 -16.91
C ASP C 99 8.31 7.36 -16.97
N LEU C 100 9.54 7.67 -17.41
CA LEU C 100 10.56 6.64 -17.52
C LEU C 100 10.90 6.07 -16.15
N ILE C 101 11.30 6.93 -15.22
CA ILE C 101 11.58 6.52 -13.84
C ILE C 101 10.36 5.84 -13.22
N ASN C 102 9.16 6.38 -13.47
CA ASN C 102 7.97 5.94 -12.74
C ASN C 102 7.43 4.60 -13.27
N ASN C 103 7.37 4.41 -14.59
CA ASN C 103 6.82 3.18 -15.12
C ASN C 103 7.76 2.00 -14.92
N LEU C 104 9.07 2.21 -15.07
CA LEU C 104 10.00 1.07 -15.01
C LEU C 104 10.45 0.77 -13.60
N GLY C 105 10.46 1.78 -12.74
CA GLY C 105 10.97 1.60 -11.38
C GLY C 105 9.93 1.47 -10.29
N THR C 106 8.67 1.88 -10.56
CA THR C 106 7.73 2.05 -9.45
C THR C 106 6.37 1.40 -9.70
N ILE C 107 5.58 1.94 -10.63
CA ILE C 107 4.19 1.53 -10.74
C ILE C 107 4.00 0.19 -11.46
N ALA C 108 5.08 -0.39 -11.99
CA ALA C 108 5.02 -1.77 -12.43
C ALA C 108 4.84 -2.73 -11.25
N LYS C 109 4.78 -2.20 -10.04
CA LYS C 109 4.73 -3.01 -8.84
C LYS C 109 3.47 -3.89 -8.79
N SER C 110 2.30 -3.32 -9.11
CA SER C 110 1.07 -4.13 -9.08
C SER C 110 1.14 -5.31 -10.04
N GLY C 111 1.55 -5.05 -11.28
CA GLY C 111 1.58 -6.13 -12.25
C GLY C 111 2.59 -7.19 -11.90
N THR C 112 3.78 -6.78 -11.46
CA THR C 112 4.79 -7.76 -11.09
C THR C 112 4.34 -8.59 -9.89
N LYS C 113 3.71 -7.94 -8.91
CA LYS C 113 3.20 -8.67 -7.75
C LYS C 113 2.14 -9.69 -8.17
N ALA C 114 1.13 -9.26 -8.93
CA ALA C 114 0.07 -10.18 -9.30
C ALA C 114 0.59 -11.30 -10.20
N PHE C 115 1.62 -11.00 -10.99
CA PHE C 115 2.18 -12.01 -11.86
C PHE C 115 2.90 -13.09 -11.06
N MET C 116 3.69 -12.70 -10.06
CA MET C 116 4.37 -13.69 -9.23
C MET C 116 3.38 -14.54 -8.44
N GLU C 117 2.25 -13.94 -8.02
CA GLU C 117 1.23 -14.74 -7.34
C GLU C 117 0.60 -15.72 -8.32
N ALA C 118 0.41 -15.30 -9.57
CA ALA C 118 -0.06 -16.24 -10.58
C ALA C 118 0.96 -17.34 -10.81
N LEU C 119 2.24 -16.97 -10.94
CA LEU C 119 3.28 -17.97 -11.15
C LEU C 119 3.27 -19.01 -10.02
N GLN C 120 3.25 -18.56 -8.77
CA GLN C 120 3.25 -19.52 -7.68
C GLN C 120 2.01 -20.40 -7.66
N ALA C 121 0.95 -20.02 -8.37
CA ALA C 121 -0.24 -20.86 -8.41
C ALA C 121 -0.30 -21.72 -9.67
N GLY C 122 0.71 -21.66 -10.53
CA GLY C 122 0.81 -22.54 -11.67
C GLY C 122 0.89 -21.86 -13.01
N ALA C 123 0.73 -20.54 -13.08
CA ALA C 123 0.79 -19.82 -14.33
C ALA C 123 2.15 -20.01 -15.00
N ASP C 124 2.28 -19.49 -16.21
CA ASP C 124 3.44 -19.70 -17.05
C ASP C 124 4.09 -18.35 -17.38
N ILE C 125 5.43 -18.34 -17.39
CA ILE C 125 6.19 -17.11 -17.64
C ILE C 125 5.75 -16.43 -18.93
N SER C 126 5.30 -17.19 -19.92
CA SER C 126 4.86 -16.54 -21.15
C SER C 126 3.56 -15.76 -20.96
N MET C 127 2.94 -15.83 -19.80
CA MET C 127 1.76 -15.00 -19.56
C MET C 127 2.11 -13.59 -19.11
N ILE C 128 3.38 -13.23 -19.09
CA ILE C 128 3.81 -11.97 -18.50
C ILE C 128 3.09 -10.75 -19.10
N GLY C 129 2.75 -10.79 -20.39
CA GLY C 129 2.04 -9.66 -20.98
C GLY C 129 0.66 -9.43 -20.40
N GLN C 130 -0.02 -10.49 -19.98
CA GLN C 130 -1.34 -10.35 -19.34
C GLN C 130 -1.29 -9.52 -18.07
N PHE C 131 -0.12 -9.21 -17.54
CA PHE C 131 -0.03 -8.42 -16.32
C PHE C 131 0.61 -7.06 -16.55
N GLY C 132 0.88 -6.70 -17.79
CA GLY C 132 1.38 -5.38 -18.12
C GLY C 132 2.84 -5.17 -17.82
N VAL C 133 3.62 -6.23 -17.61
CA VAL C 133 5.01 -6.05 -17.18
C VAL C 133 5.95 -6.82 -18.08
N GLY C 134 5.56 -7.01 -19.34
CA GLY C 134 6.31 -7.83 -20.26
C GLY C 134 7.65 -7.26 -20.67
N PHE C 135 7.90 -5.99 -20.40
CA PHE C 135 9.22 -5.45 -20.67
C PHE C 135 10.30 -6.25 -19.93
N TYR C 136 10.02 -6.71 -18.71
CA TYR C 136 11.09 -7.35 -17.95
C TYR C 136 11.41 -8.75 -18.43
N SER C 137 10.65 -9.29 -19.38
CA SER C 137 11.10 -10.54 -19.99
C SER C 137 12.34 -10.34 -20.84
N ALA C 138 12.78 -9.09 -21.05
CA ALA C 138 14.06 -8.87 -21.70
C ALA C 138 15.18 -9.57 -20.96
N TYR C 139 15.07 -9.69 -19.64
CA TYR C 139 16.10 -10.38 -18.86
C TYR C 139 16.10 -11.89 -19.03
N LEU C 140 15.16 -12.47 -19.77
CA LEU C 140 15.31 -13.87 -20.16
C LEU C 140 16.57 -14.07 -20.97
N VAL C 141 16.93 -13.09 -21.81
CA VAL C 141 18.10 -13.21 -22.66
C VAL C 141 19.19 -12.18 -22.34
N ALA C 142 18.88 -11.12 -21.61
CA ALA C 142 19.81 -10.01 -21.41
C ALA C 142 20.38 -10.02 -20.01
N GLU C 143 21.66 -9.67 -19.90
CA GLU C 143 22.27 -9.43 -18.60
C GLU C 143 22.29 -7.95 -18.24
N LYS C 144 22.13 -7.08 -19.23
CA LYS C 144 21.99 -5.65 -19.01
C LYS C 144 21.03 -5.12 -20.06
N VAL C 145 20.12 -4.26 -19.62
CA VAL C 145 19.15 -3.64 -20.52
C VAL C 145 19.31 -2.14 -20.42
N VAL C 146 19.42 -1.49 -21.59
CA VAL C 146 19.49 -0.05 -21.70
C VAL C 146 18.28 0.41 -22.50
N VAL C 147 17.65 1.48 -22.05
CA VAL C 147 16.46 2.02 -22.66
C VAL C 147 16.72 3.51 -22.89
N ILE C 148 16.91 3.92 -24.20
CA ILE C 148 16.93 5.33 -24.62
C ILE C 148 15.52 5.71 -25.04
N THR C 149 15.07 6.90 -24.64
CA THR C 149 13.71 7.27 -25.01
C THR C 149 13.62 8.77 -25.20
N LYS C 150 12.74 9.17 -26.11
CA LYS C 150 12.61 10.59 -26.45
C LYS C 150 11.15 10.91 -26.76
N HIS C 151 10.54 11.75 -25.94
CA HIS C 151 9.14 12.14 -26.06
C HIS C 151 9.09 13.59 -26.53
N ASN C 152 8.07 13.92 -27.33
CA ASN C 152 7.97 15.27 -27.90
C ASN C 152 7.94 16.38 -26.84
N ASP C 153 7.68 16.05 -25.57
CA ASP C 153 7.55 17.07 -24.54
C ASP C 153 8.75 17.13 -23.59
N ASP C 154 9.86 16.44 -23.92
CA ASP C 154 10.99 16.38 -23.01
C ASP C 154 12.26 15.99 -23.77
N GLU C 155 13.40 16.03 -23.07
CA GLU C 155 14.71 15.69 -23.62
C GLU C 155 14.90 14.17 -23.72
N GLN C 156 16.02 13.77 -24.33
CA GLN C 156 16.36 12.35 -24.43
C GLN C 156 16.96 11.86 -23.12
N TYR C 157 16.53 10.69 -22.67
CA TYR C 157 17.04 10.12 -21.43
C TYR C 157 17.47 8.69 -21.69
N ALA C 158 18.41 8.21 -20.89
CA ALA C 158 18.84 6.82 -20.92
C ALA C 158 18.61 6.17 -19.56
N TRP C 159 18.00 4.99 -19.58
CA TRP C 159 17.73 4.19 -18.40
C TRP C 159 18.54 2.92 -18.51
N GLU C 160 18.99 2.37 -17.37
CA GLU C 160 19.89 1.22 -17.44
C GLU C 160 19.73 0.34 -16.20
N SER C 161 19.83 -0.98 -16.37
CA SER C 161 19.78 -1.86 -15.22
C SER C 161 20.37 -3.23 -15.55
N SER C 162 21.15 -3.77 -14.61
CA SER C 162 21.64 -5.14 -14.66
C SER C 162 20.93 -6.02 -13.65
N ALA C 163 19.72 -5.63 -13.24
CA ALA C 163 18.91 -6.39 -12.29
C ALA C 163 19.62 -6.57 -10.96
N GLY C 164 20.32 -5.55 -10.49
CA GLY C 164 20.91 -5.68 -9.18
C GLY C 164 20.13 -5.00 -8.07
N GLY C 165 18.82 -4.87 -8.26
CA GLY C 165 18.02 -4.03 -7.39
C GLY C 165 17.96 -2.57 -7.79
N SER C 166 18.79 -2.14 -8.74
CA SER C 166 18.89 -0.73 -9.03
C SER C 166 18.83 -0.46 -10.53
N PHE C 167 18.54 0.79 -10.85
CA PHE C 167 18.69 1.31 -12.19
C PHE C 167 19.21 2.73 -12.08
N THR C 168 19.84 3.20 -13.15
CA THR C 168 20.28 4.57 -13.27
C THR C 168 19.50 5.24 -14.39
N VAL C 169 19.39 6.56 -14.28
CA VAL C 169 18.78 7.42 -15.29
C VAL C 169 19.69 8.62 -15.49
N ARG C 170 19.93 8.98 -16.74
CA ARG C 170 20.74 10.15 -17.02
C ARG C 170 20.30 10.77 -18.34
N ALA C 171 20.60 12.06 -18.50
CA ALA C 171 20.34 12.75 -19.75
C ALA C 171 21.26 12.19 -20.83
N ASP C 172 20.67 11.71 -21.93
CA ASP C 172 21.45 11.18 -23.04
C ASP C 172 21.67 12.26 -24.07
N HIS C 173 22.93 12.63 -24.29
CA HIS C 173 23.32 13.53 -25.36
C HIS C 173 23.90 12.80 -26.55
N GLY C 174 23.84 11.47 -26.54
CA GLY C 174 24.24 10.64 -27.66
C GLY C 174 23.38 10.84 -28.89
N GLU C 175 23.35 9.83 -29.75
CA GLU C 175 22.67 9.92 -31.04
C GLU C 175 21.20 10.28 -30.85
N PRO C 176 20.75 11.44 -31.32
CA PRO C 176 19.32 11.79 -31.21
C PRO C 176 18.45 10.83 -32.00
N ILE C 177 17.50 10.19 -31.31
CA ILE C 177 16.55 9.32 -31.99
C ILE C 177 15.30 10.06 -32.44
N GLY C 178 15.17 11.34 -32.08
CA GLY C 178 14.06 12.17 -32.55
C GLY C 178 12.78 11.95 -31.78
N ARG C 179 12.23 10.75 -31.88
CA ARG C 179 11.08 10.36 -31.10
C ARG C 179 10.97 8.85 -31.05
N GLY C 180 10.75 8.30 -29.88
CA GLY C 180 10.54 6.89 -29.73
C GLY C 180 11.40 6.35 -28.61
N THR C 181 11.68 5.05 -28.72
CA THR C 181 12.36 4.32 -27.66
C THR C 181 13.30 3.30 -28.30
N LYS C 182 14.57 3.33 -27.90
CA LYS C 182 15.56 2.35 -28.29
C LYS C 182 15.84 1.46 -27.09
N VAL C 183 15.55 0.17 -27.21
CA VAL C 183 15.96 -0.82 -26.21
C VAL C 183 17.20 -1.54 -26.70
N ILE C 184 18.18 -1.67 -25.82
CA ILE C 184 19.41 -2.39 -26.12
C ILE C 184 19.54 -3.52 -25.13
N LEU C 185 19.56 -4.75 -25.63
CA LEU C 185 19.79 -5.93 -24.80
C LEU C 185 21.27 -6.30 -24.90
N HIS C 186 21.92 -6.38 -23.75
CA HIS C 186 23.26 -6.96 -23.65
C HIS C 186 23.08 -8.43 -23.32
N LEU C 187 23.33 -9.28 -24.30
CA LEU C 187 22.87 -10.65 -24.24
C LEU C 187 23.76 -11.51 -23.35
N LYS C 188 23.14 -12.48 -22.69
CA LYS C 188 23.88 -13.50 -21.97
C LYS C 188 24.72 -14.31 -22.95
N GLU C 189 25.87 -14.79 -22.47
CA GLU C 189 26.74 -15.59 -23.33
C GLU C 189 26.01 -16.82 -23.88
N ASP C 190 25.02 -17.34 -23.15
CA ASP C 190 24.29 -18.52 -23.57
C ASP C 190 23.08 -18.21 -24.45
N GLN C 191 22.72 -16.94 -24.63
CA GLN C 191 21.60 -16.59 -25.48
C GLN C 191 22.02 -15.89 -26.77
N THR C 192 23.24 -16.17 -27.26
CA THR C 192 23.71 -15.49 -28.46
C THR C 192 23.00 -15.96 -29.71
N GLU C 193 22.14 -16.97 -29.62
CA GLU C 193 21.41 -17.42 -30.81
C GLU C 193 20.53 -16.30 -31.36
N TYR C 194 20.07 -15.37 -30.51
CA TYR C 194 19.23 -14.25 -30.93
C TYR C 194 20.02 -13.12 -31.60
N LEU C 195 21.27 -13.36 -31.93
CA LEU C 195 22.08 -12.49 -32.77
C LEU C 195 22.12 -12.96 -34.22
N GLU C 196 21.43 -14.03 -34.56
CA GLU C 196 21.47 -14.56 -35.92
C GLU C 196 20.36 -13.98 -36.78
N GLU C 197 20.67 -13.84 -38.05
CA GLU C 197 19.66 -13.40 -39.00
C GLU C 197 18.45 -14.33 -39.00
N ARG C 198 18.66 -15.61 -39.33
CA ARG C 198 17.56 -16.58 -39.41
C ARG C 198 16.80 -16.72 -38.09
N ARG C 199 17.52 -16.80 -36.97
CA ARG C 199 16.89 -17.12 -35.70
C ARG C 199 15.87 -16.06 -35.29
N VAL C 200 16.24 -14.77 -35.40
CA VAL C 200 15.29 -13.72 -35.04
C VAL C 200 14.04 -13.77 -35.93
N LYS C 201 14.21 -14.09 -37.22
CA LYS C 201 13.05 -14.13 -38.09
C LYS C 201 12.10 -15.27 -37.74
N GLU C 202 12.60 -16.48 -37.46
CA GLU C 202 11.66 -17.50 -37.05
C GLU C 202 10.92 -17.10 -35.78
N VAL C 203 11.47 -16.19 -34.97
CA VAL C 203 10.77 -15.74 -33.76
C VAL C 203 9.66 -14.74 -34.11
N VAL C 204 9.96 -13.75 -34.97
CA VAL C 204 8.96 -12.74 -35.32
C VAL C 204 7.79 -13.36 -36.08
N LYS C 205 8.08 -14.29 -36.99
CA LYS C 205 7.02 -14.96 -37.72
C LYS C 205 6.18 -15.85 -36.82
N LYS C 206 6.77 -16.37 -35.74
CA LYS C 206 6.02 -17.27 -34.88
C LYS C 206 5.13 -16.51 -33.91
N HIS C 207 5.56 -15.33 -33.49
CA HIS C 207 4.90 -14.64 -32.39
C HIS C 207 4.34 -13.27 -32.73
N SER C 208 4.85 -12.61 -33.77
CA SER C 208 4.51 -11.23 -34.05
C SER C 208 4.13 -11.07 -35.50
N GLN C 209 3.34 -12.00 -36.01
CA GLN C 209 2.98 -11.97 -37.42
C GLN C 209 1.84 -11.02 -37.73
N PHE C 210 1.13 -10.52 -36.72
CA PHE C 210 0.00 -9.63 -37.00
C PHE C 210 0.17 -8.28 -36.32
N ILE C 211 1.41 -7.81 -36.20
CA ILE C 211 1.68 -6.44 -35.78
C ILE C 211 1.34 -5.49 -36.92
N GLY C 212 0.68 -4.38 -36.62
CA GLY C 212 0.26 -3.48 -37.68
C GLY C 212 1.28 -2.44 -38.10
N TYR C 213 2.55 -2.74 -37.93
CA TYR C 213 3.64 -1.85 -38.30
C TYR C 213 4.77 -2.66 -38.90
N PRO C 214 5.53 -2.09 -39.84
CA PRO C 214 6.65 -2.84 -40.42
C PRO C 214 7.77 -3.01 -39.43
N ILE C 215 8.41 -4.19 -39.48
CA ILE C 215 9.55 -4.52 -38.63
C ILE C 215 10.71 -4.89 -39.53
N THR C 216 11.76 -4.08 -39.52
CA THR C 216 12.89 -4.30 -40.40
C THR C 216 14.09 -4.79 -39.61
N LEU C 217 14.77 -5.80 -40.15
CA LEU C 217 15.96 -6.40 -39.57
C LEU C 217 17.21 -5.86 -40.28
N TYR C 218 18.20 -5.37 -39.50
CA TYR C 218 19.43 -4.73 -40.00
C TYR C 218 20.68 -5.44 -39.54
N LEU C 219 21.65 -5.66 -40.47
CA LEU C 219 22.70 -6.69 -40.28
C LEU C 219 24.08 -6.28 -40.72
N GLU D 13 2.88 -18.25 36.81
CA GLU D 13 2.48 -19.20 35.77
C GLU D 13 2.95 -18.77 34.38
N VAL D 14 2.63 -17.53 34.01
CA VAL D 14 2.89 -16.98 32.68
C VAL D 14 3.75 -15.74 32.81
N GLU D 15 4.78 -15.66 31.98
CA GLU D 15 5.63 -14.48 31.94
C GLU D 15 5.66 -13.95 30.52
N THR D 16 5.57 -12.61 30.38
CA THR D 16 5.80 -11.91 29.13
C THR D 16 7.20 -11.33 29.11
N PHE D 17 7.84 -11.34 27.93
CA PHE D 17 9.14 -10.69 27.76
C PHE D 17 9.17 -9.96 26.44
N ALA D 18 10.06 -8.99 26.35
CA ALA D 18 10.28 -8.26 25.12
C ALA D 18 11.44 -8.88 24.34
N PHE D 19 11.25 -9.02 23.03
CA PHE D 19 12.36 -9.34 22.14
C PHE D 19 13.38 -8.22 22.19
N GLN D 20 14.66 -8.59 22.05
CA GLN D 20 15.67 -7.61 21.63
C GLN D 20 15.12 -6.83 20.45
N ALA D 21 15.41 -5.53 20.41
CA ALA D 21 14.83 -4.66 19.38
C ALA D 21 15.19 -5.09 17.97
N GLU D 22 16.41 -5.59 17.76
CA GLU D 22 16.78 -6.09 16.45
C GLU D 22 15.88 -7.24 16.00
N ILE D 23 15.55 -8.15 16.92
CA ILE D 23 14.67 -9.26 16.55
C ILE D 23 13.28 -8.75 16.22
N ALA D 24 12.81 -7.73 16.93
CA ALA D 24 11.46 -7.23 16.66
C ALA D 24 11.42 -6.47 15.35
N GLN D 25 12.53 -5.83 15.00
CA GLN D 25 12.62 -5.10 13.74
C GLN D 25 12.55 -6.07 12.58
N LEU D 26 13.25 -7.19 12.69
CA LEU D 26 13.21 -8.19 11.64
C LEU D 26 11.84 -8.85 11.55
N MET D 27 11.18 -9.07 12.70
CA MET D 27 9.83 -9.64 12.67
C MET D 27 8.85 -8.70 11.97
N SER D 28 8.93 -7.40 12.27
CA SER D 28 8.08 -6.43 11.56
C SER D 28 8.38 -6.44 10.08
N LEU D 29 9.65 -6.50 9.72
CA LEU D 29 10.01 -6.53 8.30
C LEU D 29 9.43 -7.75 7.62
N ILE D 30 9.57 -8.93 8.25
CA ILE D 30 9.09 -10.17 7.69
C ILE D 30 7.56 -10.20 7.57
N ILE D 31 6.86 -9.65 8.57
CA ILE D 31 5.41 -9.76 8.54
C ILE D 31 4.76 -8.65 7.74
N ASN D 32 5.52 -7.63 7.34
CA ASN D 32 4.96 -6.46 6.68
C ASN D 32 5.60 -6.12 5.34
N THR D 33 6.62 -6.86 4.91
CA THR D 33 7.18 -6.68 3.58
C THR D 33 6.78 -7.87 2.72
N PHE D 34 6.27 -7.57 1.52
CA PHE D 34 5.87 -8.60 0.57
C PHE D 34 7.06 -9.44 0.18
N TYR D 35 6.79 -10.72 -0.08
CA TYR D 35 7.80 -11.61 -0.63
C TYR D 35 7.08 -12.69 -1.42
N SER D 36 7.56 -12.95 -2.62
CA SER D 36 6.82 -13.84 -3.49
C SER D 36 6.92 -15.29 -3.05
N ASN D 37 8.03 -15.67 -2.41
CA ASN D 37 8.35 -17.07 -2.26
C ASN D 37 8.22 -17.55 -0.81
N LYS D 38 7.05 -17.33 -0.21
CA LYS D 38 6.88 -17.56 1.23
C LYS D 38 7.11 -19.02 1.63
N GLU D 39 6.98 -19.98 0.69
CA GLU D 39 7.14 -21.39 1.04
C GLU D 39 8.45 -21.70 1.73
N ILE D 40 9.47 -20.84 1.63
CA ILE D 40 10.75 -21.15 2.25
C ILE D 40 10.65 -21.31 3.76
N PHE D 41 9.57 -20.83 4.39
CA PHE D 41 9.43 -20.99 5.83
C PHE D 41 9.50 -22.47 6.21
N LEU D 42 8.96 -23.35 5.36
CA LEU D 42 8.94 -24.77 5.69
C LEU D 42 10.34 -25.38 5.63
N ARG D 43 11.13 -25.05 4.61
CA ARG D 43 12.53 -25.41 4.65
C ARG D 43 13.21 -24.93 5.94
N GLU D 44 12.92 -23.71 6.39
CA GLU D 44 13.59 -23.18 7.57
C GLU D 44 13.20 -23.95 8.84
N LEU D 45 11.93 -24.32 8.98
CA LEU D 45 11.54 -25.13 10.13
C LEU D 45 12.16 -26.53 10.10
N ILE D 46 12.03 -27.23 8.97
CA ILE D 46 12.58 -28.58 8.83
C ILE D 46 14.08 -28.57 9.09
N SER D 47 14.77 -27.50 8.65
CA SER D 47 16.21 -27.43 8.84
C SER D 47 16.57 -27.24 10.31
N ASN D 48 15.76 -26.49 11.06
CA ASN D 48 16.01 -26.40 12.49
C ASN D 48 15.65 -27.70 13.20
N ALA D 49 14.59 -28.38 12.75
CA ALA D 49 14.23 -29.66 13.33
C ALA D 49 15.34 -30.69 13.09
N SER D 50 15.88 -30.70 11.87
CA SER D 50 16.94 -31.62 11.50
C SER D 50 18.19 -31.41 12.35
N ASP D 51 18.51 -30.16 12.68
CA ASP D 51 19.70 -29.89 13.48
C ASP D 51 19.50 -30.39 14.90
N ALA D 52 18.30 -30.17 15.46
CA ALA D 52 17.97 -30.69 16.78
C ALA D 52 17.99 -32.21 16.81
N LEU D 53 17.46 -32.84 15.75
CA LEU D 53 17.54 -34.29 15.63
C LEU D 53 18.99 -34.75 15.59
N ASP D 54 19.85 -34.02 14.85
CA ASP D 54 21.28 -34.33 14.85
C ASP D 54 21.85 -34.32 16.25
N LYS D 55 21.40 -33.38 17.10
CA LYS D 55 22.11 -33.20 18.36
C LYS D 55 21.80 -34.32 19.33
N ILE D 56 20.53 -34.68 19.47
CA ILE D 56 20.18 -35.78 20.35
C ILE D 56 20.74 -37.09 19.81
N ARG D 57 20.82 -37.24 18.48
CA ARG D 57 21.42 -38.44 17.90
C ARG D 57 22.90 -38.55 18.25
N TYR D 58 23.59 -37.42 18.39
CA TYR D 58 25.02 -37.49 18.64
C TYR D 58 25.30 -37.73 20.12
N GLU D 59 24.62 -37.01 21.01
CA GLU D 59 24.71 -37.36 22.41
C GLU D 59 24.15 -38.75 22.69
N SER D 60 23.29 -39.25 21.80
CA SER D 60 22.76 -40.61 21.93
C SER D 60 23.89 -41.64 21.92
N LEU D 61 24.87 -41.46 21.03
CA LEU D 61 25.91 -42.48 20.91
C LEU D 61 26.80 -42.54 22.14
N THR D 62 26.99 -41.41 22.83
CA THR D 62 27.70 -41.44 24.11
C THR D 62 26.80 -42.00 25.21
N ASP D 63 25.61 -41.44 25.36
CA ASP D 63 24.70 -41.81 26.45
C ASP D 63 23.38 -42.32 25.88
N PRO D 64 23.18 -43.64 25.82
CA PRO D 64 21.92 -44.18 25.30
C PRO D 64 20.72 -43.87 26.18
N SER D 65 20.92 -43.50 27.44
CA SER D 65 19.81 -43.13 28.31
C SER D 65 19.09 -41.87 27.83
N LYS D 66 19.74 -41.07 26.99
CA LYS D 66 19.12 -39.84 26.53
C LYS D 66 17.97 -40.08 25.57
N LEU D 67 17.82 -41.31 25.07
CA LEU D 67 16.73 -41.66 24.18
C LEU D 67 15.63 -42.44 24.88
N ASP D 68 15.68 -42.55 26.22
CA ASP D 68 14.58 -43.18 26.96
C ASP D 68 13.27 -42.43 26.78
N SER D 69 13.33 -41.20 26.31
CA SER D 69 12.17 -40.33 26.15
C SER D 69 11.60 -40.37 24.73
N GLY D 70 11.95 -41.37 23.94
CA GLY D 70 11.58 -41.42 22.54
C GLY D 70 12.71 -41.91 21.65
N LYS D 71 12.55 -43.10 21.08
CA LYS D 71 13.63 -43.71 20.31
C LYS D 71 13.55 -43.46 18.82
N GLU D 72 12.40 -43.02 18.30
CA GLU D 72 12.27 -42.69 16.87
C GLU D 72 12.65 -41.23 16.67
N LEU D 73 13.47 -40.97 15.65
CA LEU D 73 13.91 -39.61 15.33
C LEU D 73 13.24 -39.17 14.04
N LYS D 74 12.17 -38.39 14.16
CA LYS D 74 11.23 -38.14 13.07
C LYS D 74 10.85 -36.65 13.02
N ILE D 75 10.27 -36.25 11.89
CA ILE D 75 9.58 -34.99 11.74
C ILE D 75 8.17 -35.29 11.25
N ASP D 76 7.17 -34.62 11.85
CA ASP D 76 5.77 -34.77 11.50
C ASP D 76 5.17 -33.42 11.14
N ILE D 77 4.25 -33.41 10.18
CA ILE D 77 3.63 -32.18 9.72
C ILE D 77 2.12 -32.43 9.68
N ILE D 78 1.36 -31.65 10.44
CA ILE D 78 -0.06 -31.88 10.62
C ILE D 78 -0.80 -30.64 10.16
N PRO D 79 -1.34 -30.64 8.96
CA PRO D 79 -2.29 -29.60 8.57
C PRO D 79 -3.60 -29.75 9.33
N ASN D 80 -4.26 -28.63 9.60
CA ASN D 80 -5.54 -28.60 10.31
C ASN D 80 -6.39 -27.48 9.72
N PRO D 81 -7.19 -27.77 8.70
CA PRO D 81 -8.00 -26.71 8.09
C PRO D 81 -9.06 -26.12 9.02
N GLN D 82 -9.60 -26.92 9.95
CA GLN D 82 -10.63 -26.39 10.85
C GLN D 82 -10.09 -25.27 11.71
N GLU D 83 -8.97 -25.50 12.39
CA GLU D 83 -8.38 -24.51 13.27
C GLU D 83 -7.35 -23.62 12.58
N ARG D 84 -7.16 -23.77 11.26
CA ARG D 84 -6.25 -22.92 10.47
C ARG D 84 -4.83 -22.89 11.05
N THR D 85 -4.33 -24.05 11.49
CA THR D 85 -2.98 -24.18 12.02
C THR D 85 -2.19 -25.19 11.19
N LEU D 86 -0.89 -24.98 11.12
CA LEU D 86 0.05 -25.97 10.61
C LEU D 86 1.01 -26.31 11.73
N THR D 87 1.24 -27.60 11.95
CA THR D 87 2.05 -28.06 13.06
C THR D 87 3.21 -28.90 12.56
N LEU D 88 4.41 -28.57 13.04
CA LEU D 88 5.58 -29.41 12.86
C LEU D 88 6.03 -29.93 14.23
N VAL D 89 6.18 -31.24 14.33
CA VAL D 89 6.64 -31.90 15.55
C VAL D 89 7.90 -32.68 15.22
N ASP D 90 8.96 -32.46 15.99
CA ASP D 90 10.21 -33.19 15.82
C ASP D 90 10.59 -33.87 17.13
N THR D 91 11.33 -34.97 17.02
CA THR D 91 11.75 -35.68 18.22
C THR D 91 13.24 -35.42 18.49
N GLY D 92 13.67 -34.18 18.23
CA GLY D 92 15.02 -33.76 18.48
C GLY D 92 15.27 -33.56 19.96
N ILE D 93 16.36 -32.85 20.27
CA ILE D 93 16.82 -32.73 21.64
C ILE D 93 15.94 -31.80 22.44
N GLY D 94 15.14 -30.97 21.78
CA GLY D 94 14.33 -29.98 22.47
C GLY D 94 15.20 -28.93 23.17
N MET D 95 14.51 -28.03 23.88
CA MET D 95 15.12 -26.92 24.59
C MET D 95 14.66 -26.87 26.04
N THR D 96 15.57 -26.43 26.92
CA THR D 96 15.19 -26.06 28.27
C THR D 96 14.54 -24.69 28.28
N LYS D 97 13.96 -24.33 29.43
CA LYS D 97 13.33 -23.02 29.56
C LYS D 97 14.32 -21.91 29.27
N ALA D 98 15.52 -21.99 29.86
CA ALA D 98 16.58 -21.03 29.56
C ALA D 98 16.84 -20.95 28.07
N ASP D 99 17.10 -22.10 27.43
CA ASP D 99 17.37 -22.11 26.00
C ASP D 99 16.22 -21.49 25.23
N LEU D 100 15.00 -21.75 25.67
CA LEU D 100 13.84 -21.30 24.91
C LEU D 100 13.77 -19.78 24.90
N ILE D 101 13.95 -19.14 26.07
CA ILE D 101 13.90 -17.69 26.16
C ILE D 101 15.12 -17.06 25.48
N ASN D 102 16.31 -17.61 25.70
CA ASN D 102 17.51 -17.08 25.04
C ASN D 102 17.41 -17.22 23.52
N ASN D 103 17.29 -18.45 23.03
CA ASN D 103 17.33 -18.67 21.59
C ASN D 103 16.31 -17.82 20.87
N LEU D 104 15.07 -17.80 21.38
CA LEU D 104 14.01 -17.14 20.63
C LEU D 104 13.92 -15.65 20.96
N GLY D 105 14.37 -15.22 22.14
CA GLY D 105 14.09 -13.86 22.55
C GLY D 105 15.27 -12.90 22.59
N THR D 106 16.50 -13.43 22.56
CA THR D 106 17.69 -12.68 22.98
C THR D 106 18.93 -12.95 22.12
N ILE D 107 19.49 -14.16 22.17
CA ILE D 107 20.77 -14.37 21.52
C ILE D 107 20.67 -14.36 20.00
N ALA D 108 19.48 -14.36 19.45
CA ALA D 108 19.32 -14.18 18.02
C ALA D 108 19.54 -12.73 17.57
N LYS D 109 19.84 -11.83 18.50
CA LYS D 109 20.06 -10.42 18.15
C LYS D 109 21.11 -10.26 17.05
N SER D 110 22.25 -10.96 17.18
CA SER D 110 23.35 -10.77 16.23
C SER D 110 22.99 -11.29 14.84
N GLY D 111 22.40 -12.48 14.75
CA GLY D 111 21.90 -12.96 13.47
C GLY D 111 20.89 -12.04 12.82
N THR D 112 19.92 -11.54 13.59
CA THR D 112 18.89 -10.68 12.99
C THR D 112 19.48 -9.34 12.58
N LYS D 113 20.36 -8.77 13.41
CA LYS D 113 21.00 -7.52 13.04
C LYS D 113 21.81 -7.68 11.75
N ALA D 114 22.70 -8.68 11.71
CA ALA D 114 23.48 -8.97 10.51
C ALA D 114 22.58 -9.18 9.31
N PHE D 115 21.57 -10.03 9.46
CA PHE D 115 20.69 -10.35 8.34
C PHE D 115 20.02 -9.10 7.78
N MET D 116 19.61 -8.16 8.65
CA MET D 116 18.97 -6.95 8.16
C MET D 116 19.96 -6.08 7.41
N GLU D 117 21.21 -6.01 7.89
CA GLU D 117 22.24 -5.28 7.16
C GLU D 117 22.45 -5.89 5.79
N ALA D 118 22.41 -7.23 5.69
CA ALA D 118 22.51 -7.88 4.39
C ALA D 118 21.32 -7.51 3.50
N LEU D 119 20.10 -7.50 4.07
CA LEU D 119 18.91 -7.16 3.29
C LEU D 119 18.98 -5.75 2.73
N GLN D 120 19.60 -4.83 3.46
CA GLN D 120 19.79 -3.47 2.94
C GLN D 120 20.73 -3.48 1.73
N ALA D 121 21.75 -4.33 1.77
CA ALA D 121 22.73 -4.43 0.72
C ALA D 121 22.31 -5.41 -0.39
N GLY D 122 21.05 -5.78 -0.44
CA GLY D 122 20.51 -6.46 -1.60
C GLY D 122 20.29 -7.94 -1.44
N ALA D 123 20.73 -8.53 -0.34
CA ALA D 123 20.35 -9.91 -0.02
C ALA D 123 18.83 -10.04 -0.01
N ASP D 124 18.36 -11.27 -0.20
CA ASP D 124 16.93 -11.52 -0.18
C ASP D 124 16.57 -12.47 0.96
N ILE D 125 15.26 -12.57 1.21
CA ILE D 125 14.74 -13.22 2.41
C ILE D 125 15.05 -14.71 2.43
N SER D 126 15.23 -15.34 1.27
CA SER D 126 15.51 -16.77 1.26
C SER D 126 16.89 -17.10 1.84
N MET D 127 17.70 -16.10 2.18
CA MET D 127 19.03 -16.31 2.73
C MET D 127 19.05 -16.27 4.25
N ILE D 128 17.87 -16.17 4.87
CA ILE D 128 17.77 -15.97 6.30
C ILE D 128 18.39 -17.12 7.09
N GLY D 129 18.33 -18.35 6.56
CA GLY D 129 18.96 -19.45 7.25
C GLY D 129 20.46 -19.34 7.37
N GLN D 130 21.11 -18.63 6.43
CA GLN D 130 22.55 -18.42 6.54
C GLN D 130 22.94 -17.50 7.71
N PHE D 131 21.99 -16.85 8.36
CA PHE D 131 22.30 -16.05 9.54
C PHE D 131 21.78 -16.71 10.81
N GLY D 132 21.43 -17.99 10.73
CA GLY D 132 20.95 -18.74 11.88
C GLY D 132 19.63 -18.29 12.48
N VAL D 133 18.81 -17.50 11.79
CA VAL D 133 17.56 -17.00 12.36
C VAL D 133 16.36 -17.25 11.45
N GLY D 134 16.42 -18.35 10.69
CA GLY D 134 15.32 -18.68 9.81
C GLY D 134 14.04 -19.08 10.52
N PHE D 135 14.10 -19.35 11.82
CA PHE D 135 12.86 -19.58 12.56
C PHE D 135 11.84 -18.47 12.29
N TYR D 136 12.28 -17.21 12.30
CA TYR D 136 11.31 -16.12 12.21
C TYR D 136 10.68 -16.00 10.84
N SER D 137 11.16 -16.74 9.84
CA SER D 137 10.46 -16.76 8.56
C SER D 137 9.09 -17.40 8.67
N ALA D 138 8.80 -18.09 9.79
CA ALA D 138 7.44 -18.57 10.03
C ALA D 138 6.43 -17.43 9.95
N TYR D 139 6.83 -16.21 10.31
CA TYR D 139 5.92 -15.07 10.24
C TYR D 139 5.65 -14.62 8.80
N LEU D 140 6.31 -15.23 7.79
CA LEU D 140 5.88 -15.01 6.41
C LEU D 140 4.45 -15.49 6.21
N VAL D 141 4.10 -16.60 6.86
CA VAL D 141 2.79 -17.21 6.68
C VAL D 141 1.93 -17.17 7.95
N ALA D 142 2.49 -16.91 9.12
CA ALA D 142 1.74 -17.07 10.36
C ALA D 142 1.53 -15.73 11.04
N GLU D 143 0.34 -15.56 11.63
CA GLU D 143 0.10 -14.40 12.46
C GLU D 143 0.32 -14.67 13.93
N LYS D 144 0.42 -15.93 14.33
CA LYS D 144 0.78 -16.28 15.68
C LYS D 144 1.53 -17.61 15.61
N VAL D 145 2.63 -17.70 16.34
CA VAL D 145 3.41 -18.92 16.40
C VAL D 145 3.51 -19.37 17.85
N VAL D 146 3.32 -20.68 18.07
CA VAL D 146 3.47 -21.32 19.37
C VAL D 146 4.52 -22.41 19.24
N VAL D 147 5.40 -22.50 20.24
CA VAL D 147 6.48 -23.49 20.29
C VAL D 147 6.35 -24.22 21.62
N ILE D 148 6.00 -25.53 21.57
CA ILE D 148 6.09 -26.41 22.73
C ILE D 148 7.44 -27.11 22.67
N THR D 149 8.12 -27.24 23.82
CA THR D 149 9.43 -27.88 23.81
C THR D 149 9.68 -28.68 25.09
N LYS D 150 10.35 -29.82 24.94
CA LYS D 150 10.68 -30.70 26.07
C LYS D 150 12.11 -31.20 25.92
N HIS D 151 13.01 -30.66 26.74
CA HIS D 151 14.35 -31.18 26.91
C HIS D 151 14.37 -32.21 28.04
N ASN D 152 15.31 -33.15 27.96
CA ASN D 152 15.38 -34.20 28.99
C ASN D 152 15.86 -33.70 30.34
N ASP D 153 16.39 -32.49 30.40
CA ASP D 153 16.87 -31.94 31.65
C ASP D 153 15.88 -30.95 32.27
N ASP D 154 14.67 -30.83 31.72
CA ASP D 154 13.73 -29.85 32.22
C ASP D 154 12.31 -30.29 31.86
N GLU D 155 11.35 -29.43 32.20
CA GLU D 155 9.95 -29.69 31.94
C GLU D 155 9.54 -29.08 30.61
N GLN D 156 8.28 -29.31 30.26
CA GLN D 156 7.72 -28.92 28.98
C GLN D 156 7.23 -27.48 29.08
N TYR D 157 7.59 -26.66 28.08
CA TYR D 157 7.28 -25.24 28.12
C TYR D 157 6.63 -24.82 26.82
N ALA D 158 5.75 -23.81 26.92
CA ALA D 158 5.06 -23.25 25.78
C ALA D 158 5.43 -21.78 25.64
N TRP D 159 5.88 -21.42 24.44
CA TRP D 159 6.26 -20.08 24.03
C TRP D 159 5.27 -19.61 22.98
N GLU D 160 4.93 -18.32 22.98
CA GLU D 160 3.93 -17.78 22.08
C GLU D 160 4.31 -16.36 21.67
N SER D 161 4.11 -16.02 20.41
CA SER D 161 4.23 -14.63 19.98
C SER D 161 3.35 -14.34 18.77
N SER D 162 2.71 -13.17 18.80
CA SER D 162 2.01 -12.59 17.66
C SER D 162 2.75 -11.42 17.05
N ALA D 163 4.06 -11.30 17.34
CA ALA D 163 4.98 -10.37 16.68
C ALA D 163 4.73 -8.92 17.06
N GLY D 164 4.15 -8.65 18.23
CA GLY D 164 3.98 -7.26 18.57
C GLY D 164 5.05 -6.66 19.46
N GLY D 165 6.27 -7.18 19.36
CA GLY D 165 7.37 -6.80 20.22
C GLY D 165 7.59 -7.67 21.44
N SER D 166 6.71 -8.64 21.69
CA SER D 166 6.75 -9.37 22.96
C SER D 166 6.39 -10.84 22.72
N PHE D 167 6.74 -11.68 23.69
CA PHE D 167 6.38 -13.09 23.67
C PHE D 167 6.10 -13.52 25.11
N THR D 168 5.39 -14.64 25.27
CA THR D 168 5.16 -15.19 26.59
C THR D 168 5.75 -16.59 26.71
N VAL D 169 6.09 -16.98 27.93
CA VAL D 169 6.58 -18.32 28.24
C VAL D 169 5.77 -18.85 29.42
N ARG D 170 5.36 -20.11 29.33
CA ARG D 170 4.65 -20.73 30.44
C ARG D 170 4.95 -22.22 30.44
N ALA D 171 4.87 -22.82 31.63
CA ALA D 171 4.88 -24.26 31.74
C ALA D 171 3.69 -24.83 30.97
N ASP D 172 3.94 -25.82 30.13
CA ASP D 172 2.86 -26.41 29.36
C ASP D 172 2.27 -27.60 30.11
N HIS D 173 0.96 -27.57 30.27
CA HIS D 173 0.21 -28.71 30.78
C HIS D 173 -0.57 -29.42 29.69
N GLY D 174 -0.33 -29.08 28.42
CA GLY D 174 -0.95 -29.77 27.31
C GLY D 174 -0.49 -31.20 27.15
N GLU D 175 -0.57 -31.76 25.95
CA GLU D 175 -0.22 -33.16 25.78
C GLU D 175 1.27 -33.36 25.95
N PRO D 176 1.70 -34.40 26.72
CA PRO D 176 3.14 -34.59 26.93
C PRO D 176 3.88 -35.00 25.67
N ILE D 177 4.47 -34.07 24.93
CA ILE D 177 5.49 -34.50 23.98
C ILE D 177 6.64 -35.06 24.80
N GLY D 178 7.18 -36.18 24.36
CA GLY D 178 8.11 -36.87 25.23
C GLY D 178 9.48 -36.21 25.18
N ARG D 179 9.85 -35.75 24.00
CA ARG D 179 11.09 -35.01 23.81
C ARG D 179 11.00 -34.31 22.48
N GLY D 180 11.59 -33.13 22.40
CA GLY D 180 11.67 -32.43 21.15
C GLY D 180 10.91 -31.13 21.21
N THR D 181 10.40 -30.73 20.05
CA THR D 181 9.84 -29.42 19.84
C THR D 181 8.65 -29.57 18.92
N LYS D 182 7.68 -28.70 19.10
CA LYS D 182 6.43 -28.70 18.35
C LYS D 182 6.12 -27.24 18.05
N VAL D 183 6.04 -26.91 16.76
CA VAL D 183 5.74 -25.56 16.31
C VAL D 183 4.33 -25.56 15.77
N ILE D 184 3.54 -24.57 16.18
CA ILE D 184 2.17 -24.42 15.68
C ILE D 184 2.09 -23.06 15.01
N LEU D 185 1.84 -23.07 13.72
CA LEU D 185 1.64 -21.84 12.96
C LEU D 185 0.15 -21.55 12.85
N HIS D 186 -0.30 -20.48 13.46
CA HIS D 186 -1.62 -19.93 13.16
C HIS D 186 -1.48 -19.07 11.91
N LEU D 187 -2.00 -19.56 10.78
CA LEU D 187 -1.70 -18.98 9.47
C LEU D 187 -2.54 -17.76 9.18
N LYS D 188 -1.98 -16.84 8.39
CA LYS D 188 -2.77 -15.72 7.89
C LYS D 188 -3.86 -16.21 6.94
N GLU D 189 -4.88 -15.37 6.78
CA GLU D 189 -6.04 -15.78 5.99
C GLU D 189 -5.67 -16.09 4.54
N ASP D 190 -4.68 -15.38 3.99
CA ASP D 190 -4.28 -15.54 2.59
C ASP D 190 -3.25 -16.64 2.36
N GLN D 191 -2.83 -17.35 3.41
CA GLN D 191 -1.78 -18.37 3.27
C GLN D 191 -2.31 -19.77 3.58
N THR D 192 -3.62 -19.99 3.45
CA THR D 192 -4.22 -21.28 3.78
C THR D 192 -3.86 -22.38 2.80
N GLU D 193 -3.22 -22.03 1.67
CA GLU D 193 -2.74 -23.05 0.75
C GLU D 193 -1.83 -24.06 1.45
N TYR D 194 -1.13 -23.66 2.52
CA TYR D 194 -0.24 -24.57 3.24
C TYR D 194 -0.99 -25.48 4.23
N LEU D 195 -2.31 -25.62 4.08
CA LEU D 195 -3.10 -26.57 4.84
C LEU D 195 -3.50 -27.78 4.01
N GLU D 196 -2.99 -27.87 2.79
CA GLU D 196 -3.32 -28.95 1.86
C GLU D 196 -2.16 -29.89 1.63
N GLU D 197 -2.50 -31.17 1.47
CA GLU D 197 -1.52 -32.19 1.13
C GLU D 197 -0.77 -31.87 -0.15
N ARG D 198 -1.51 -31.53 -1.21
CA ARG D 198 -0.91 -31.21 -2.50
C ARG D 198 0.24 -30.22 -2.34
N ARG D 199 0.03 -29.18 -1.54
CA ARG D 199 0.99 -28.09 -1.50
C ARG D 199 2.15 -28.38 -0.56
N VAL D 200 1.88 -28.94 0.61
CA VAL D 200 2.95 -29.21 1.56
C VAL D 200 3.89 -30.28 1.03
N LYS D 201 3.39 -31.18 0.18
CA LYS D 201 4.27 -32.15 -0.46
C LYS D 201 5.13 -31.49 -1.54
N GLU D 202 4.52 -30.62 -2.36
CA GLU D 202 5.28 -29.82 -3.32
C GLU D 202 6.49 -29.16 -2.66
N VAL D 203 6.29 -28.60 -1.47
CA VAL D 203 7.33 -27.78 -0.84
C VAL D 203 8.40 -28.64 -0.19
N VAL D 204 8.01 -29.75 0.44
CA VAL D 204 9.01 -30.63 1.05
C VAL D 204 9.92 -31.20 -0.02
N LYS D 205 9.35 -31.60 -1.16
CA LYS D 205 10.16 -32.16 -2.22
C LYS D 205 11.03 -31.10 -2.89
N LYS D 206 10.54 -29.86 -3.00
CA LYS D 206 11.36 -28.85 -3.64
C LYS D 206 12.55 -28.45 -2.78
N HIS D 207 12.38 -28.44 -1.45
CA HIS D 207 13.35 -27.80 -0.57
C HIS D 207 14.03 -28.74 0.41
N SER D 208 13.44 -29.90 0.73
CA SER D 208 14.00 -30.70 1.79
C SER D 208 14.19 -32.15 1.35
N GLN D 209 14.47 -32.35 0.05
CA GLN D 209 14.54 -33.69 -0.51
C GLN D 209 15.70 -34.50 0.05
N PHE D 210 16.67 -33.86 0.71
CA PHE D 210 17.84 -34.60 1.18
C PHE D 210 18.03 -34.48 2.69
N ILE D 211 16.99 -34.09 3.42
CA ILE D 211 17.00 -34.22 4.86
C ILE D 211 17.08 -35.70 5.24
N GLY D 212 17.86 -36.01 6.27
CA GLY D 212 18.09 -37.39 6.63
C GLY D 212 17.20 -37.99 7.70
N TYR D 213 16.00 -37.48 7.87
CA TYR D 213 15.07 -38.07 8.81
C TYR D 213 13.73 -38.25 8.09
N PRO D 214 12.89 -39.19 8.55
CA PRO D 214 11.56 -39.34 7.93
C PRO D 214 10.69 -38.13 8.21
N ILE D 215 10.01 -37.66 7.17
CA ILE D 215 9.07 -36.56 7.27
C ILE D 215 7.69 -37.09 6.90
N THR D 216 6.75 -37.03 7.82
CA THR D 216 5.44 -37.67 7.69
C THR D 216 4.32 -36.64 7.74
N LEU D 217 3.36 -36.74 6.81
CA LEU D 217 2.19 -35.85 6.71
C LEU D 217 0.93 -36.53 7.25
N TYR D 218 0.09 -35.76 7.96
CA TYR D 218 -1.17 -36.22 8.57
C TYR D 218 -2.31 -35.34 8.06
N LEU D 219 -3.26 -35.90 7.31
CA LEU D 219 -4.44 -35.09 6.97
C LEU D 219 -5.75 -35.72 7.45
#